data_5I0E
#
_entry.id   5I0E
#
_cell.length_a   194.634
_cell.length_b   103.382
_cell.length_c   44.087
_cell.angle_alpha   90.00
_cell.angle_beta   91.32
_cell.angle_gamma   90.00
#
_symmetry.space_group_name_H-M   'C 1 2 1'
#
loop_
_entity.id
_entity.type
_entity.pdbx_description
1 polymer 'Glycoside hydrolase family 31'
2 branched alpha-D-glucopyranose-(1-6)-alpha-D-glucopyranose
3 non-polymer 'CALCIUM ION'
4 non-polymer '2-(N-MORPHOLINO)-ETHANESULFONIC ACID'
5 water water
#
_entity_poly.entity_id   1
_entity_poly.type   'polypeptide(L)'
_entity_poly.pdbx_seq_one_letter_code
;MITHRPRGIEHPYARSLDQLYPAIPIAGQSLTIGATTSGPCSRMRCFVLWPEHEQVFDMSPVNGTDSDAALLAGGEGHLA
AAQQAALDADNGWQTSIPHLPDQDATYYFEALTLDGRTETSESFPLTPSHWSAEPVGHIDIDGDRFIPDSPLWLVSSAGT
HRVKFALRIEGDEHVVGFGERYDQLDQRGLRLDSVVFEQYKAQGKHHRTYLPMPFAQVVNEAGRAWGFHVETTRRTWYDV
AATVSDRILIEVDLGFEAEKTPVVRVNTWSGSPTDVLNGFLDVAGRPAEMPEWIFGLWASGNEWNTQSLVMEQMDRHRNE
GIPVSVVVIEAWSDEEGFTIFRDARYVPNQGQPHRGPDFTYPSDGAWPDPAGMIRELHERGIRVILWQIPLQKTDDDLGP
EALAQGNALIASGHVVKEPDGTPYKNRGWWFPNALMPDLSTEAGRQWWTEQRRYLVEDLDIDGFKTDGGEHAWGSDLRYE
DGRRGDEGNNLYPVNYARAYGDLLRSAGKYPVTFSRSGFTGSQAHGLYWAGDEDSTWEAFRSSITAGITAGACGILYWGW
DLAGFSGPVPEAELYARAFAAATFMPIMQYHSEFHHHELPLRDRTPWNVAEQTGCGELIDLARHYTRVREALRPYLVAQT
RQCLQTGKPLMRAMFYDHADDPEIWAHPRQYMLGDELLINPVTAPGATTWTTYLPEGQWEDYWSGEVSEGGHLVTRAVGW
DIIPVYRRVGAAL
;
_entity_poly.pdbx_strand_id   B
#
# COMPACT_ATOMS: atom_id res chain seq x y z
N MET A 1 8.97 -26.47 26.11
CA MET A 1 10.32 -26.02 25.70
C MET A 1 10.43 -24.49 25.74
N ILE A 2 11.66 -24.00 25.62
CA ILE A 2 11.94 -22.57 25.59
C ILE A 2 12.03 -22.12 24.14
N THR A 3 11.35 -21.02 23.82
CA THR A 3 11.41 -20.43 22.50
C THR A 3 12.12 -19.08 22.61
N HIS A 4 13.12 -18.90 21.75
CA HIS A 4 13.80 -17.63 21.58
C HIS A 4 14.22 -17.48 20.12
N ARG A 5 13.81 -16.35 19.54
CA ARG A 5 14.10 -15.99 18.15
C ARG A 5 14.65 -14.57 18.17
N PRO A 6 15.94 -14.42 17.86
CA PRO A 6 16.62 -13.12 18.00
C PRO A 6 15.91 -11.89 17.40
N ARG A 7 15.33 -12.07 16.21
CA ARG A 7 14.55 -11.02 15.53
C ARG A 7 13.04 -11.08 15.84
N GLY A 8 12.60 -12.16 16.47
CA GLY A 8 11.20 -12.33 16.85
C GLY A 8 10.31 -12.63 15.67
N ILE A 9 9.05 -12.20 15.76
CA ILE A 9 8.05 -12.32 14.69
C ILE A 9 8.35 -11.41 13.47
N GLU A 10 9.16 -10.37 13.69
CA GLU A 10 9.53 -9.38 12.64
C GLU A 10 8.32 -8.63 12.05
N HIS A 11 7.39 -8.27 12.94
CA HIS A 11 6.39 -7.24 12.68
C HIS A 11 7.22 -5.96 12.56
N PRO A 12 7.13 -5.25 11.43
CA PRO A 12 8.04 -4.10 11.19
C PRO A 12 8.04 -2.99 12.26
N TYR A 13 6.90 -2.76 12.86
CA TYR A 13 6.72 -1.72 13.89
C TYR A 13 6.51 -2.22 15.31
N ALA A 14 6.83 -3.49 15.58
CA ALA A 14 6.55 -4.10 16.87
C ALA A 14 7.47 -5.28 17.17
N ARG A 15 7.49 -5.66 18.44
CA ARG A 15 8.42 -6.66 18.92
C ARG A 15 7.66 -7.72 19.72
N SER A 16 8.07 -8.98 19.53
CA SER A 16 7.50 -10.11 20.27
C SER A 16 8.23 -10.30 21.59
N LEU A 17 7.65 -11.15 22.44
CA LEU A 17 8.18 -11.41 23.78
C LEU A 17 9.33 -12.42 23.84
N ASP A 18 9.84 -12.86 22.69
CA ASP A 18 10.94 -13.87 22.63
C ASP A 18 12.18 -13.43 21.81
N GLN A 19 12.51 -12.14 21.84
CA GLN A 19 13.60 -11.63 21.01
C GLN A 19 14.60 -10.74 21.75
N LEU A 20 15.68 -10.43 21.04
CA LEU A 20 16.56 -9.33 21.41
C LEU A 20 15.98 -8.00 20.90
N TYR A 21 15.89 -6.99 21.77
CA TYR A 21 15.63 -5.59 21.35
C TYR A 21 16.77 -4.70 21.84
N PRO A 22 17.57 -4.12 20.94
CA PRO A 22 17.39 -4.19 19.48
C PRO A 22 17.73 -5.55 18.84
N ALA A 23 17.17 -5.81 17.67
CA ALA A 23 17.39 -7.07 16.93
C ALA A 23 18.83 -7.19 16.44
N ILE A 24 19.45 -6.07 16.09
CA ILE A 24 20.88 -6.02 15.79
C ILE A 24 21.57 -5.35 17.00
N PRO A 25 22.06 -6.17 17.96
CA PRO A 25 22.55 -5.58 19.23
C PRO A 25 23.74 -4.64 19.08
N ILE A 26 23.75 -3.55 19.85
CA ILE A 26 24.72 -2.45 19.70
C ILE A 26 25.52 -2.27 20.98
N ALA A 27 26.85 -2.40 20.84
CA ALA A 27 27.80 -2.09 21.91
C ALA A 27 27.55 -0.68 22.46
N GLY A 28 27.47 -0.59 23.79
CA GLY A 28 27.27 0.69 24.48
C GLY A 28 25.85 0.84 24.97
N GLN A 29 24.88 0.70 24.05
CA GLN A 29 23.47 0.83 24.39
C GLN A 29 22.94 -0.40 25.13
N SER A 30 21.71 -0.28 25.64
CA SER A 30 21.06 -1.36 26.36
C SER A 30 20.55 -2.49 25.45
N LEU A 31 20.49 -3.70 25.99
CA LEU A 31 20.02 -4.87 25.25
C LEU A 31 18.97 -5.57 26.07
N THR A 32 17.78 -5.74 25.48
CA THR A 32 16.65 -6.38 26.14
C THR A 32 16.50 -7.76 25.54
N ILE A 33 16.42 -8.75 26.42
CA ILE A 33 16.43 -10.15 26.03
C ILE A 33 15.16 -10.80 26.52
N GLY A 34 14.37 -11.33 25.59
CA GLY A 34 13.11 -12.00 25.92
C GLY A 34 13.10 -13.44 25.49
N ALA A 35 12.35 -14.28 26.22
CA ALA A 35 12.09 -15.70 25.83
C ALA A 35 10.75 -16.20 26.39
N THR A 36 10.11 -17.15 25.68
CA THR A 36 8.82 -17.72 26.10
C THR A 36 8.94 -19.23 26.40
N THR A 37 8.06 -19.72 27.26
CA THR A 37 7.98 -21.15 27.56
C THR A 37 6.67 -21.73 27.06
N SER A 38 6.67 -22.97 26.59
CA SER A 38 5.43 -23.62 26.12
C SER A 38 4.51 -24.10 27.25
N GLY A 39 5.07 -24.36 28.43
CA GLY A 39 4.27 -24.63 29.63
C GLY A 39 4.60 -23.60 30.69
N PRO A 40 3.84 -23.61 31.80
CA PRO A 40 4.11 -22.68 32.89
C PRO A 40 5.43 -22.93 33.62
N CYS A 41 6.10 -21.84 34.02
CA CYS A 41 7.37 -21.90 34.77
C CYS A 41 7.38 -20.96 35.99
N SER A 42 8.10 -21.37 37.03
CA SER A 42 8.32 -20.56 38.25
C SER A 42 9.53 -19.63 38.16
N ARG A 43 10.45 -19.93 37.25
CA ARG A 43 11.75 -19.28 37.21
C ARG A 43 12.42 -19.46 35.86
N MET A 44 13.18 -18.45 35.44
CA MET A 44 14.04 -18.55 34.27
C MET A 44 15.25 -17.63 34.41
N ARG A 45 16.39 -18.10 33.90
CA ARG A 45 17.64 -17.37 33.90
C ARG A 45 18.26 -17.34 32.53
N CYS A 46 19.07 -16.31 32.30
CA CYS A 46 19.86 -16.18 31.08
C CYS A 46 21.34 -16.19 31.42
N PHE A 47 22.06 -17.11 30.79
CA PHE A 47 23.50 -17.28 31.00
C PHE A 47 24.18 -16.63 29.82
N VAL A 48 25.17 -15.78 30.09
CA VAL A 48 25.91 -15.10 29.02
C VAL A 48 27.40 -15.38 29.17
N LEU A 49 27.95 -16.03 28.13
CA LEU A 49 29.32 -16.49 28.11
C LEU A 49 30.19 -15.59 27.24
N TRP A 50 30.80 -14.60 27.89
CA TRP A 50 31.95 -13.86 27.35
C TRP A 50 33.24 -14.68 27.61
N PRO A 51 34.36 -14.30 26.96
CA PRO A 51 35.64 -14.99 27.21
C PRO A 51 36.00 -15.29 28.69
N GLU A 52 36.28 -14.27 29.51
CA GLU A 52 36.75 -14.47 30.90
C GLU A 52 35.63 -14.31 31.95
N HIS A 53 34.51 -13.68 31.59
CA HIS A 53 33.40 -13.41 32.52
C HIS A 53 32.13 -14.21 32.18
N GLU A 54 31.50 -14.78 33.22
CA GLU A 54 30.22 -15.48 33.17
C GLU A 54 29.22 -14.59 33.90
N GLN A 55 28.00 -14.44 33.37
CA GLN A 55 26.92 -13.73 34.08
C GLN A 55 25.61 -14.48 33.93
N VAL A 56 24.82 -14.45 35.01
CA VAL A 56 23.56 -15.15 35.14
C VAL A 56 22.51 -14.14 35.59
N PHE A 57 21.51 -13.89 34.75
CA PHE A 57 20.46 -12.93 35.07
C PHE A 57 19.13 -13.59 35.48
N ASP A 58 18.63 -13.26 36.68
CA ASP A 58 17.28 -13.65 37.10
C ASP A 58 16.28 -12.89 36.27
N MET A 59 15.72 -13.56 35.27
CA MET A 59 14.73 -12.95 34.40
C MET A 59 13.42 -12.78 35.14
N SER A 60 12.71 -11.70 34.81
CA SER A 60 11.39 -11.39 35.38
C SER A 60 10.27 -11.78 34.38
N PRO A 61 9.10 -12.21 34.89
CA PRO A 61 7.98 -12.53 34.00
C PRO A 61 7.12 -11.31 33.65
N VAL A 62 6.64 -11.26 32.41
CA VAL A 62 5.97 -10.07 31.87
C VAL A 62 4.50 -9.96 32.33
N ASN A 91 3.17 -16.45 29.40
CA ASN A 91 4.40 -17.23 29.65
C ASN A 91 5.68 -16.54 29.13
N GLY A 92 5.71 -15.20 29.16
CA GLY A 92 6.86 -14.42 28.70
C GLY A 92 7.81 -14.11 29.84
N TRP A 93 9.12 -14.07 29.54
CA TRP A 93 10.16 -13.71 30.51
C TRP A 93 11.14 -12.69 29.93
N GLN A 94 11.72 -11.85 30.78
CA GLN A 94 12.57 -10.76 30.29
C GLN A 94 13.66 -10.30 31.25
N THR A 95 14.83 -9.99 30.69
CA THR A 95 15.84 -9.21 31.38
C THR A 95 16.56 -8.32 30.37
N SER A 96 17.37 -7.40 30.88
CA SER A 96 18.09 -6.44 30.05
C SER A 96 19.50 -6.20 30.56
N ILE A 97 20.42 -5.93 29.65
CA ILE A 97 21.79 -5.55 29.99
C ILE A 97 21.94 -4.06 29.66
N PRO A 98 22.03 -3.19 30.70
CA PRO A 98 21.97 -1.72 30.51
C PRO A 98 23.08 -1.09 29.62
N HIS A 99 24.30 -1.61 29.70
CA HIS A 99 25.43 -1.11 28.88
C HIS A 99 26.19 -2.27 28.27
N LEU A 100 25.90 -2.57 27.00
CA LEU A 100 26.35 -3.83 26.40
C LEU A 100 27.84 -3.80 26.07
N PRO A 101 28.63 -4.72 26.66
CA PRO A 101 30.07 -4.84 26.32
C PRO A 101 30.33 -5.11 24.83
N ASP A 102 31.47 -4.64 24.31
CA ASP A 102 31.84 -4.84 22.91
C ASP A 102 32.74 -6.08 22.73
N GLN A 103 32.20 -7.24 23.08
CA GLN A 103 32.87 -8.54 22.89
C GLN A 103 31.84 -9.54 22.41
N ASP A 104 32.26 -10.39 21.47
CA ASP A 104 31.46 -11.54 21.07
C ASP A 104 31.27 -12.49 22.27
N ALA A 105 30.09 -13.09 22.33
CA ALA A 105 29.69 -13.94 23.45
C ALA A 105 28.72 -15.00 22.94
N THR A 106 28.25 -15.85 23.84
CA THR A 106 27.11 -16.74 23.54
C THR A 106 26.14 -16.74 24.71
N TYR A 107 24.89 -17.07 24.46
CA TYR A 107 23.88 -17.11 25.53
C TYR A 107 22.93 -18.29 25.38
N TYR A 108 22.37 -18.71 26.52
CA TYR A 108 21.36 -19.75 26.55
C TYR A 108 20.45 -19.52 27.74
N PHE A 109 19.26 -20.13 27.70
CA PHE A 109 18.26 -19.94 28.76
C PHE A 109 18.00 -21.23 29.55
N GLU A 110 17.80 -21.09 30.86
CA GLU A 110 17.49 -22.19 31.76
C GLU A 110 16.19 -21.84 32.47
N ALA A 111 15.18 -22.69 32.33
CA ALA A 111 13.89 -22.46 32.98
C ALA A 111 13.58 -23.60 33.93
N LEU A 112 12.88 -23.29 35.01
CA LEU A 112 12.36 -24.27 35.97
C LEU A 112 10.85 -24.34 35.80
N THR A 113 10.35 -25.52 35.40
CA THR A 113 8.91 -25.72 35.23
C THR A 113 8.23 -25.87 36.58
N LEU A 114 6.91 -25.63 36.61
CA LEU A 114 6.12 -25.75 37.85
C LEU A 114 6.13 -27.15 38.43
N ASP A 115 6.33 -28.15 37.56
CA ASP A 115 6.45 -29.55 37.99
C ASP A 115 7.88 -29.99 38.36
N GLY A 116 8.85 -29.08 38.22
CA GLY A 116 10.23 -29.29 38.68
C GLY A 116 11.27 -29.70 37.66
N ARG A 117 10.97 -29.64 36.36
CA ARG A 117 11.99 -29.90 35.32
C ARG A 117 12.82 -28.66 35.09
N THR A 118 14.09 -28.90 34.78
CA THR A 118 14.95 -27.83 34.30
C THR A 118 15.04 -27.98 32.78
N GLU A 119 14.55 -26.95 32.07
CA GLU A 119 14.67 -26.87 30.63
C GLU A 119 15.80 -25.95 30.21
N THR A 120 16.41 -26.27 29.06
CA THR A 120 17.56 -25.54 28.56
C THR A 120 17.44 -25.38 27.04
N SER A 121 17.81 -24.20 26.55
CA SER A 121 17.63 -23.81 25.15
C SER A 121 18.86 -24.13 24.30
N GLU A 122 18.75 -23.88 23.01
CA GLU A 122 19.89 -23.91 22.10
C GLU A 122 20.93 -22.85 22.51
N SER A 123 22.11 -22.92 21.92
CA SER A 123 23.13 -21.88 22.11
C SER A 123 22.96 -20.81 21.04
N PHE A 124 23.04 -19.55 21.46
CA PHE A 124 22.83 -18.40 20.58
C PHE A 124 24.06 -17.50 20.56
N PRO A 125 24.43 -16.98 19.37
CA PRO A 125 25.57 -16.07 19.26
C PRO A 125 25.17 -14.61 19.51
N LEU A 126 25.96 -13.90 20.31
CA LEU A 126 25.81 -12.45 20.50
C LEU A 126 27.04 -11.77 19.94
N THR A 127 26.87 -11.04 18.83
CA THR A 127 27.96 -10.28 18.19
C THR A 127 27.57 -8.81 18.18
N PRO A 128 27.92 -8.07 19.25
CA PRO A 128 27.50 -6.67 19.34
C PRO A 128 28.12 -5.82 18.23
N SER A 129 27.37 -4.84 17.74
CA SER A 129 27.77 -3.99 16.63
C SER A 129 28.22 -2.65 17.15
N HIS A 130 29.00 -1.93 16.34
CA HIS A 130 29.27 -0.50 16.56
C HIS A 130 29.22 0.26 15.25
N TRP A 131 28.96 1.57 15.33
CA TRP A 131 29.06 2.45 14.17
C TRP A 131 30.52 2.87 14.00
N SER A 132 31.06 2.71 12.79
CA SER A 132 32.41 3.17 12.48
C SER A 132 32.42 4.02 11.20
N ALA A 133 33.28 5.05 11.20
CA ALA A 133 33.44 5.99 10.08
C ALA A 133 34.52 5.58 9.08
N GLU A 134 34.88 4.29 9.08
CA GLU A 134 35.94 3.74 8.25
C GLU A 134 35.31 3.35 6.91
N PRO A 135 36.09 3.36 5.81
CA PRO A 135 35.52 3.02 4.51
C PRO A 135 35.28 1.51 4.37
N VAL A 136 34.25 1.04 5.06
CA VAL A 136 33.86 -0.38 5.07
C VAL A 136 33.15 -0.72 3.76
N GLY A 137 32.31 0.20 3.29
CA GLY A 137 31.61 0.07 2.02
C GLY A 137 31.75 1.34 1.18
N HIS A 138 31.13 1.30 0.00
CA HIS A 138 31.08 2.44 -0.92
C HIS A 138 29.65 2.83 -1.25
N ILE A 139 29.36 4.12 -1.15
CA ILE A 139 28.08 4.69 -1.54
C ILE A 139 28.25 5.31 -2.92
N ASP A 140 27.75 4.62 -3.95
CA ASP A 140 27.87 5.07 -5.34
C ASP A 140 26.79 6.11 -5.64
N ILE A 141 27.18 7.39 -5.62
CA ILE A 141 26.25 8.53 -5.69
C ILE A 141 26.88 9.78 -6.35
N ASP A 142 26.12 10.46 -7.22
CA ASP A 142 26.57 11.67 -7.93
C ASP A 142 25.89 12.93 -7.36
N GLY A 143 26.18 14.09 -7.94
CA GLY A 143 25.56 15.34 -7.51
C GLY A 143 26.23 15.88 -6.25
N ASP A 144 26.04 17.17 -6.01
CA ASP A 144 26.78 17.86 -4.95
C ASP A 144 26.07 17.92 -3.57
N ARG A 145 24.97 17.18 -3.39
CA ARG A 145 24.26 17.18 -2.10
C ARG A 145 24.70 16.08 -1.13
N PHE A 146 25.41 15.07 -1.63
CA PHE A 146 25.99 14.05 -0.77
C PHE A 146 27.10 14.66 0.12
N ILE A 147 27.01 14.39 1.42
CA ILE A 147 28.03 14.82 2.38
C ILE A 147 29.15 13.78 2.35
N PRO A 148 30.34 14.14 1.81
CA PRO A 148 31.44 13.21 1.57
C PRO A 148 31.81 12.26 2.72
N ASP A 149 31.91 12.77 3.96
CA ASP A 149 32.31 11.91 5.12
C ASP A 149 31.22 11.70 6.19
N SER A 150 29.96 11.68 5.74
CA SER A 150 28.84 11.30 6.58
C SER A 150 28.64 9.78 6.75
N PRO A 151 29.13 8.93 5.81
CA PRO A 151 28.87 7.50 5.95
C PRO A 151 29.32 6.88 7.26
N LEU A 152 28.37 6.30 7.98
CA LEU A 152 28.64 5.45 9.13
C LEU A 152 28.13 4.02 8.83
N TRP A 153 28.92 3.02 9.22
CA TRP A 153 28.64 1.63 8.91
C TRP A 153 28.51 0.87 10.22
N LEU A 154 27.39 0.16 10.37
CA LEU A 154 27.13 -0.63 11.56
C LEU A 154 27.73 -2.02 11.37
N VAL A 155 28.85 -2.28 12.07
CA VAL A 155 29.64 -3.48 11.84
C VAL A 155 29.82 -4.32 13.10
N SER A 156 29.95 -5.63 12.87
CA SER A 156 30.27 -6.65 13.88
C SER A 156 31.27 -7.64 13.28
N SER A 157 31.61 -8.69 14.03
CA SER A 157 32.38 -9.80 13.47
C SER A 157 31.58 -10.59 12.42
N ALA A 158 30.24 -10.57 12.49
CA ALA A 158 29.36 -11.14 11.44
C ALA A 158 29.37 -10.35 10.12
N GLY A 159 29.69 -9.05 10.18
CA GLY A 159 29.83 -8.23 8.98
C GLY A 159 29.20 -6.87 9.13
N THR A 160 28.55 -6.40 8.05
CA THR A 160 28.02 -5.03 7.95
C THR A 160 26.52 -5.10 7.73
N HIS A 161 25.76 -4.58 8.71
CA HIS A 161 24.30 -4.75 8.79
C HIS A 161 23.52 -3.56 8.26
N ARG A 162 23.96 -2.35 8.60
CA ARG A 162 23.35 -1.09 8.14
C ARG A 162 24.39 0.01 7.82
N VAL A 163 23.98 0.94 6.96
CA VAL A 163 24.73 2.16 6.69
C VAL A 163 23.85 3.39 6.94
N LYS A 164 24.48 4.46 7.39
CA LYS A 164 23.81 5.72 7.72
C LYS A 164 24.59 6.82 7.01
N PHE A 165 23.96 7.55 6.09
CA PHE A 165 24.61 8.69 5.38
C PHE A 165 23.68 9.91 5.28
N ALA A 166 24.16 11.00 4.67
CA ALA A 166 23.45 12.29 4.71
C ALA A 166 23.53 13.09 3.43
N LEU A 167 22.46 13.85 3.21
CA LEU A 167 22.32 14.78 2.11
C LEU A 167 21.92 16.15 2.67
N ARG A 168 22.47 17.21 2.10
CA ARG A 168 22.12 18.53 2.59
C ARG A 168 20.91 19.08 1.84
N ILE A 169 20.10 19.83 2.59
CA ILE A 169 18.89 20.48 2.11
C ILE A 169 18.99 21.96 2.49
N GLU A 170 18.57 22.84 1.59
CA GLU A 170 18.65 24.30 1.79
C GLU A 170 17.34 24.86 2.36
N GLY A 171 17.44 26.02 3.01
CA GLY A 171 16.35 26.61 3.79
C GLY A 171 15.01 26.88 3.09
N ASP A 172 15.04 26.96 1.75
CA ASP A 172 13.83 27.14 0.94
C ASP A 172 13.30 25.87 0.23
N GLU A 173 13.82 24.70 0.60
CA GLU A 173 13.50 23.47 -0.10
C GLU A 173 12.41 22.68 0.63
N HIS A 174 11.59 21.99 -0.16
CA HIS A 174 10.51 21.15 0.35
C HIS A 174 10.73 19.74 -0.16
N VAL A 175 10.33 18.74 0.64
CA VAL A 175 10.58 17.34 0.29
C VAL A 175 9.25 16.62 0.11
N VAL A 176 9.03 16.13 -1.10
CA VAL A 176 7.83 15.37 -1.45
C VAL A 176 8.22 14.01 -2.03
N GLY A 177 7.70 12.95 -1.44
CA GLY A 177 7.79 11.62 -2.02
C GLY A 177 7.66 10.53 -0.98
N PHE A 178 8.51 9.51 -1.13
CA PHE A 178 8.53 8.31 -0.29
C PHE A 178 7.30 7.43 -0.51
N GLY A 179 6.68 7.57 -1.68
CA GLY A 179 5.46 6.87 -2.04
C GLY A 179 4.21 7.58 -1.54
N GLU A 180 3.17 6.77 -1.34
CA GLU A 180 1.87 7.25 -0.88
C GLU A 180 1.92 7.57 0.60
N ARG A 181 1.70 8.83 0.95
CA ARG A 181 1.76 9.24 2.34
C ARG A 181 0.47 9.92 2.70
N TYR A 182 0.12 9.80 3.96
CA TYR A 182 -1.21 10.11 4.43
C TYR A 182 -1.27 11.24 5.43
N ASP A 183 -0.11 11.74 5.86
CA ASP A 183 -0.03 12.73 6.95
C ASP A 183 0.07 14.13 6.39
N GLN A 184 1.03 14.34 5.49
CA GLN A 184 1.26 15.65 4.86
C GLN A 184 2.07 15.55 3.55
N LEU A 185 1.87 16.52 2.67
CA LEU A 185 2.58 16.59 1.38
C LEU A 185 4.08 16.78 1.58
N ASP A 186 4.44 17.83 2.32
CA ASP A 186 5.84 18.19 2.56
C ASP A 186 6.33 17.35 3.72
N GLN A 187 7.25 16.44 3.42
CA GLN A 187 7.80 15.53 4.43
C GLN A 187 8.92 16.13 5.28
N ARG A 188 9.32 17.38 5.00
CA ARG A 188 10.33 18.04 5.83
C ARG A 188 9.88 18.25 7.27
N GLY A 189 10.78 17.95 8.21
CA GLY A 189 10.51 17.99 9.65
C GLY A 189 10.04 16.65 10.24
N LEU A 190 9.87 15.62 9.41
CA LEU A 190 9.34 14.31 9.86
C LEU A 190 10.37 13.20 9.86
N ARG A 191 10.17 12.23 10.75
CA ARG A 191 10.89 10.96 10.75
C ARG A 191 9.96 9.90 10.21
N LEU A 192 10.43 9.10 9.27
CA LEU A 192 9.61 8.05 8.66
C LEU A 192 10.48 6.91 8.16
N ASP A 193 9.83 5.92 7.55
CA ASP A 193 10.55 4.85 6.87
C ASP A 193 9.82 4.37 5.64
N SER A 194 10.47 3.48 4.88
CA SER A 194 9.85 2.88 3.72
C SER A 194 9.88 1.38 3.83
N VAL A 195 8.82 0.84 4.43
CA VAL A 195 8.58 -0.61 4.49
C VAL A 195 7.10 -0.86 4.23
N VAL A 196 6.84 -1.84 3.36
CA VAL A 196 5.48 -2.30 3.08
C VAL A 196 4.86 -2.84 4.38
N PHE A 197 3.66 -2.32 4.69
CA PHE A 197 2.93 -2.69 5.91
C PHE A 197 1.41 -2.47 5.72
N GLU A 198 0.61 -3.29 6.39
CA GLU A 198 -0.84 -3.06 6.47
C GLU A 198 -1.17 -2.35 7.78
N GLN A 199 -1.46 -1.06 7.68
CA GLN A 199 -2.00 -0.27 8.78
C GLN A 199 -3.48 -0.14 8.52
N TYR A 200 -4.25 -0.93 9.25
CA TYR A 200 -5.69 -0.94 9.16
C TYR A 200 -6.22 0.36 9.78
N LYS A 201 -6.50 1.29 8.88
CA LYS A 201 -7.05 2.62 9.19
C LYS A 201 -6.10 3.58 9.93
N ALA A 202 -6.44 4.86 9.85
CA ALA A 202 -5.67 5.94 10.48
C ALA A 202 -4.19 5.89 10.06
N GLN A 203 -3.96 5.76 8.74
CA GLN A 203 -2.60 5.65 8.18
C GLN A 203 -1.82 6.95 8.37
N GLY A 204 -2.55 8.07 8.29
CA GLY A 204 -2.02 9.39 8.57
C GLY A 204 -1.55 9.58 9.99
N LYS A 205 -2.37 9.22 10.96
CA LYS A 205 -2.02 9.34 12.39
C LYS A 205 -0.80 8.50 12.79
N HIS A 206 -0.70 7.28 12.24
CA HIS A 206 0.39 6.33 12.56
C HIS A 206 1.64 6.50 11.68
N HIS A 207 1.52 7.31 10.61
CA HIS A 207 2.63 7.63 9.70
C HIS A 207 3.17 6.38 8.96
N ARG A 208 2.28 5.56 8.43
CA ARG A 208 2.69 4.33 7.76
C ARG A 208 1.98 4.26 6.44
N THR A 209 2.38 3.31 5.62
CA THR A 209 1.77 3.18 4.31
C THR A 209 1.87 1.78 3.72
N TYR A 210 0.93 1.50 2.81
CA TYR A 210 0.87 0.27 2.03
C TYR A 210 1.82 0.34 0.83
N LEU A 211 2.18 1.55 0.43
CA LEU A 211 2.86 1.76 -0.84
C LEU A 211 3.99 2.80 -0.71
N PRO A 212 5.03 2.46 0.09
CA PRO A 212 6.17 3.34 0.21
C PRO A 212 7.11 3.16 -0.96
N MET A 213 8.03 4.09 -1.12
CA MET A 213 9.16 3.95 -2.06
C MET A 213 10.36 4.68 -1.47
N PRO A 214 11.59 4.20 -1.73
CA PRO A 214 12.78 4.85 -1.18
C PRO A 214 13.28 5.91 -2.16
N PHE A 215 12.46 6.93 -2.35
CA PHE A 215 12.66 7.95 -3.36
C PHE A 215 11.96 9.21 -2.92
N ALA A 216 12.53 10.37 -3.25
CA ALA A 216 11.89 11.66 -2.98
C ALA A 216 12.43 12.79 -3.85
N GLN A 217 11.58 13.79 -4.08
CA GLN A 217 11.93 15.05 -4.73
C GLN A 217 12.20 16.12 -3.69
N VAL A 218 13.19 16.97 -3.99
CA VAL A 218 13.51 18.14 -3.19
C VAL A 218 13.35 19.35 -4.11
N VAL A 219 12.42 20.25 -3.77
CA VAL A 219 11.98 21.32 -4.68
C VAL A 219 12.14 22.67 -3.96
N ASN A 220 12.81 23.63 -4.61
CA ASN A 220 13.06 24.94 -4.00
C ASN A 220 12.05 25.94 -4.51
N GLU A 221 12.07 27.15 -3.95
CA GLU A 221 11.05 28.16 -4.24
C GLU A 221 11.40 29.05 -5.43
N ALA A 222 12.49 28.73 -6.12
CA ALA A 222 12.86 29.33 -7.41
C ALA A 222 12.57 28.42 -8.61
N GLY A 223 11.84 27.33 -8.41
CA GLY A 223 11.39 26.48 -9.51
C GLY A 223 12.25 25.28 -9.87
N ARG A 224 13.43 25.14 -9.26
CA ARG A 224 14.36 24.07 -9.62
C ARG A 224 14.32 22.94 -8.60
N ALA A 225 14.61 21.72 -9.06
CA ALA A 225 14.47 20.53 -8.22
C ALA A 225 15.60 19.55 -8.40
N TRP A 226 15.83 18.76 -7.35
CA TRP A 226 16.68 17.57 -7.39
C TRP A 226 16.00 16.40 -6.66
N GLY A 227 16.49 15.20 -6.89
CA GLY A 227 15.85 14.02 -6.32
C GLY A 227 16.85 12.93 -6.07
N PHE A 228 16.43 11.94 -5.30
CA PHE A 228 17.24 10.79 -4.98
C PHE A 228 16.43 9.53 -4.81
N HIS A 229 17.05 8.40 -5.15
CA HIS A 229 16.45 7.10 -5.07
C HIS A 229 17.50 6.11 -4.57
N VAL A 230 17.32 5.60 -3.36
CA VAL A 230 18.15 4.51 -2.84
C VAL A 230 17.71 3.22 -3.55
N GLU A 231 18.59 2.68 -4.42
CA GLU A 231 18.26 1.51 -5.26
C GLU A 231 18.40 0.24 -4.44
N THR A 232 17.33 -0.09 -3.74
CA THR A 232 17.25 -1.29 -2.90
C THR A 232 15.78 -1.62 -2.72
N THR A 233 15.49 -2.88 -2.41
CA THR A 233 14.16 -3.27 -1.92
C THR A 233 14.20 -3.64 -0.43
N ARG A 234 15.30 -3.30 0.25
CA ARG A 234 15.40 -3.46 1.71
C ARG A 234 14.78 -2.28 2.42
N ARG A 235 14.61 -2.39 3.73
CA ARG A 235 14.00 -1.31 4.49
C ARG A 235 14.92 -0.09 4.52
N THR A 236 14.31 1.09 4.44
CA THR A 236 15.04 2.36 4.58
C THR A 236 14.31 3.31 5.53
N TRP A 237 15.08 4.07 6.30
CA TRP A 237 14.57 5.04 7.25
C TRP A 237 15.05 6.45 6.86
N TYR A 238 14.23 7.46 7.11
CA TYR A 238 14.54 8.85 6.75
C TYR A 238 14.24 9.78 7.91
N ASP A 239 15.22 10.62 8.24
CA ASP A 239 15.05 11.77 9.13
C ASP A 239 15.18 13.03 8.28
N VAL A 240 14.06 13.57 7.84
CA VAL A 240 14.06 14.59 6.81
C VAL A 240 14.18 15.96 7.50
N ALA A 241 15.39 16.26 7.98
CA ALA A 241 15.69 17.51 8.69
C ALA A 241 14.86 17.76 9.96
N ALA A 242 14.54 16.67 10.67
CA ALA A 242 13.87 16.75 11.96
C ALA A 242 14.91 16.98 13.05
N THR A 243 15.99 16.18 13.04
CA THR A 243 17.03 16.26 14.08
C THR A 243 18.06 17.35 13.76
N VAL A 244 18.48 17.38 12.50
CA VAL A 244 19.47 18.32 12.00
C VAL A 244 18.79 19.13 10.88
N SER A 245 18.49 20.40 11.16
CA SER A 245 17.53 21.18 10.34
C SER A 245 17.88 21.37 8.86
N ASP A 246 19.12 21.03 8.47
CA ASP A 246 19.56 21.12 7.08
C ASP A 246 20.10 19.78 6.54
N ARG A 247 19.82 18.68 7.23
CA ARG A 247 20.30 17.38 6.77
C ARG A 247 19.16 16.39 6.70
N ILE A 248 19.08 15.70 5.56
CA ILE A 248 18.30 14.49 5.41
C ILE A 248 19.17 13.27 5.75
N LEU A 249 18.91 12.63 6.89
CA LEU A 249 19.65 11.42 7.29
C LEU A 249 18.96 10.17 6.75
N ILE A 250 19.70 9.39 5.95
CA ILE A 250 19.19 8.16 5.35
C ILE A 250 19.93 6.97 5.96
N GLU A 251 19.16 5.96 6.37
CA GLU A 251 19.66 4.73 6.94
C GLU A 251 19.13 3.58 6.07
N VAL A 252 20.01 2.64 5.72
CA VAL A 252 19.69 1.59 4.77
C VAL A 252 20.05 0.25 5.39
N ASP A 253 19.08 -0.64 5.50
CA ASP A 253 19.31 -2.02 5.90
C ASP A 253 20.12 -2.67 4.78
N LEU A 254 21.26 -3.27 5.14
CA LEU A 254 22.11 -3.98 4.18
C LEU A 254 21.83 -5.49 4.16
N GLY A 255 21.12 -5.97 5.18
CA GLY A 255 20.45 -7.25 5.08
C GLY A 255 21.09 -8.44 5.75
N PHE A 256 20.32 -9.53 5.71
CA PHE A 256 20.61 -10.81 6.38
C PHE A 256 21.99 -11.40 6.04
N GLU A 257 22.32 -11.46 4.75
CA GLU A 257 23.57 -12.10 4.27
C GLU A 257 24.84 -11.42 4.77
N ALA A 258 24.88 -10.09 4.73
CA ALA A 258 25.90 -9.29 5.43
C ALA A 258 27.31 -9.67 5.05
N LYS A 260 29.55 -10.41 2.66
CA LYS A 260 29.46 -9.71 1.37
C LYS A 260 29.82 -8.24 1.50
N THR A 261 30.64 -7.73 0.57
CA THR A 261 31.14 -6.35 0.64
C THR A 261 30.02 -5.35 0.27
N PRO A 262 29.74 -4.34 1.14
CA PRO A 262 28.51 -3.56 0.97
C PRO A 262 28.67 -2.38 0.01
N VAL A 263 27.84 -2.34 -1.04
CA VAL A 263 27.78 -1.20 -1.98
C VAL A 263 26.32 -0.78 -2.12
N VAL A 264 26.06 0.50 -1.86
CA VAL A 264 24.72 1.07 -1.90
C VAL A 264 24.67 2.09 -3.04
N ARG A 265 23.81 1.84 -4.01
CA ARG A 265 23.65 2.70 -5.20
C ARG A 265 22.48 3.67 -4.98
N VAL A 266 22.76 4.97 -5.11
CA VAL A 266 21.77 6.03 -4.95
C VAL A 266 21.69 6.84 -6.25
N ASN A 267 20.58 6.68 -6.99
CA ASN A 267 20.38 7.40 -8.23
C ASN A 267 19.97 8.84 -7.92
N THR A 268 20.42 9.80 -8.72
CA THR A 268 20.15 11.22 -8.48
C THR A 268 19.88 11.95 -9.79
N TRP A 269 19.07 13.00 -9.73
CA TRP A 269 18.70 13.79 -10.92
C TRP A 269 18.50 15.23 -10.50
N SER A 270 18.66 16.16 -11.44
CA SER A 270 18.34 17.56 -11.18
C SER A 270 17.80 18.23 -12.42
N GLY A 271 17.06 19.32 -12.20
CA GLY A 271 16.38 20.07 -13.28
C GLY A 271 15.04 20.56 -12.81
N SER A 272 14.06 20.55 -13.70
CA SER A 272 12.68 20.89 -13.33
C SER A 272 12.11 19.76 -12.47
N PRO A 273 11.06 20.04 -11.69
CA PRO A 273 10.44 18.94 -10.91
C PRO A 273 10.04 17.74 -11.78
N THR A 274 9.58 18.03 -13.00
CA THR A 274 9.22 16.99 -13.99
C THR A 274 10.44 16.18 -14.48
N ASP A 275 11.58 16.84 -14.70
CA ASP A 275 12.81 16.11 -15.09
C ASP A 275 13.17 15.07 -14.04
N VAL A 276 13.03 15.47 -12.77
CA VAL A 276 13.39 14.63 -11.63
C VAL A 276 12.46 13.41 -11.50
N LEU A 277 11.16 13.60 -11.69
CA LEU A 277 10.22 12.48 -11.62
C LEU A 277 10.46 11.53 -12.80
N ASN A 278 10.65 12.11 -13.99
CA ASN A 278 11.05 11.33 -15.17
C ASN A 278 12.29 10.49 -14.99
N GLY A 279 13.30 11.07 -14.33
CA GLY A 279 14.50 10.32 -13.93
C GLY A 279 14.13 9.03 -13.22
N PHE A 280 13.32 9.14 -12.17
CA PHE A 280 12.90 8.01 -11.36
C PHE A 280 12.14 6.98 -12.17
N LEU A 281 11.26 7.44 -13.05
CA LEU A 281 10.44 6.54 -13.84
C LEU A 281 11.26 5.75 -14.87
N ASP A 282 12.33 6.35 -15.39
CA ASP A 282 13.25 5.64 -16.28
C ASP A 282 13.85 4.40 -15.60
N VAL A 283 14.01 4.47 -14.27
CA VAL A 283 14.51 3.39 -13.44
C VAL A 283 13.37 2.48 -12.93
N ALA A 284 12.41 3.09 -12.24
CA ALA A 284 11.34 2.33 -11.59
C ALA A 284 10.41 1.61 -12.56
N GLY A 285 10.01 2.28 -13.64
CA GLY A 285 8.92 1.80 -14.49
C GLY A 285 7.89 2.92 -14.67
N ARG A 286 7.19 2.85 -15.79
CA ARG A 286 6.26 3.90 -16.24
C ARG A 286 4.84 3.34 -16.29
N PRO A 287 3.82 4.19 -16.00
CA PRO A 287 2.45 3.73 -16.14
C PRO A 287 2.05 3.22 -17.53
N ALA A 288 1.15 2.25 -17.51
CA ALA A 288 0.62 1.58 -18.68
C ALA A 288 -0.47 2.42 -19.35
N GLU A 289 -0.69 2.25 -20.66
CA GLU A 289 -2.00 2.65 -21.24
C GLU A 289 -3.14 1.87 -20.60
N MET A 290 -4.30 2.51 -20.52
CA MET A 290 -5.47 1.91 -19.89
C MET A 290 -6.68 2.24 -20.73
N PRO A 291 -7.71 1.36 -20.70
CA PRO A 291 -8.91 1.64 -21.49
C PRO A 291 -9.78 2.71 -20.82
N GLU A 292 -10.57 3.40 -21.64
CA GLU A 292 -11.30 4.57 -21.18
C GLU A 292 -12.38 4.27 -20.13
N TRP A 293 -12.86 3.02 -20.12
CA TRP A 293 -13.86 2.60 -19.13
C TRP A 293 -13.40 2.66 -17.68
N ILE A 294 -12.11 2.75 -17.40
CA ILE A 294 -11.69 2.94 -16.00
C ILE A 294 -12.09 4.29 -15.41
N PHE A 295 -12.47 5.25 -16.26
CA PHE A 295 -12.77 6.63 -15.80
C PHE A 295 -14.21 6.87 -15.45
N GLY A 296 -15.08 5.88 -15.66
CA GLY A 296 -16.45 5.96 -15.12
C GLY A 296 -16.49 5.68 -13.62
N LEU A 297 -17.70 5.74 -13.04
CA LEU A 297 -17.89 5.44 -11.62
C LEU A 297 -17.75 3.93 -11.38
N TRP A 298 -16.97 3.57 -10.37
CA TRP A 298 -16.80 2.21 -9.90
C TRP A 298 -17.70 1.97 -8.69
N ALA A 299 -18.59 0.98 -8.80
CA ALA A 299 -19.48 0.56 -7.72
C ALA A 299 -18.89 -0.68 -7.03
N SER A 300 -18.96 -0.68 -5.72
CA SER A 300 -18.43 -1.78 -4.92
C SER A 300 -19.15 -1.82 -3.54
N GLY A 301 -19.29 -3.03 -3.02
CA GLY A 301 -19.74 -3.24 -1.66
C GLY A 301 -19.52 -4.68 -1.26
N ASN A 302 -18.86 -4.87 -0.10
CA ASN A 302 -18.50 -6.24 0.30
C ASN A 302 -19.70 -7.19 0.49
N GLU A 303 -20.85 -6.64 0.84
CA GLU A 303 -22.02 -7.46 1.15
C GLU A 303 -22.91 -7.72 -0.08
N TRP A 304 -22.43 -7.37 -1.28
CA TRP A 304 -23.06 -7.84 -2.53
C TRP A 304 -22.49 -9.24 -2.81
N ASN A 305 -23.06 -10.24 -2.14
CA ASN A 305 -22.50 -11.59 -2.18
C ASN A 305 -23.34 -12.69 -2.84
N THR A 306 -24.29 -12.26 -3.66
CA THR A 306 -25.07 -13.13 -4.52
C THR A 306 -25.23 -12.41 -5.82
N GLN A 307 -25.49 -13.16 -6.89
CA GLN A 307 -25.81 -12.59 -8.21
C GLN A 307 -26.98 -11.61 -8.13
N SER A 308 -27.99 -11.95 -7.35
CA SER A 308 -29.17 -11.12 -7.24
C SER A 308 -28.88 -9.79 -6.51
N LEU A 309 -28.02 -9.79 -5.49
CA LEU A 309 -27.60 -8.56 -4.80
C LEU A 309 -26.84 -7.60 -5.73
N VAL A 310 -25.95 -8.15 -6.55
CA VAL A 310 -25.20 -7.36 -7.54
C VAL A 310 -26.12 -6.74 -8.57
N MET A 311 -26.96 -7.55 -9.18
CA MET A 311 -27.88 -7.09 -10.22
C MET A 311 -28.91 -6.09 -9.69
N GLU A 312 -29.40 -6.30 -8.46
CA GLU A 312 -30.32 -5.35 -7.80
C GLU A 312 -29.68 -3.96 -7.77
N GLN A 313 -28.40 -3.88 -7.41
CA GLN A 313 -27.70 -2.61 -7.38
C GLN A 313 -27.44 -2.00 -8.75
N MET A 314 -27.08 -2.82 -9.75
CA MET A 314 -26.87 -2.29 -11.11
C MET A 314 -28.18 -1.82 -11.76
N ASP A 315 -29.29 -2.51 -11.48
CA ASP A 315 -30.62 -2.05 -11.94
C ASP A 315 -31.02 -0.72 -11.29
N ARG A 316 -30.62 -0.55 -10.03
CA ARG A 316 -30.87 0.71 -9.32
C ARG A 316 -30.05 1.86 -9.93
N HIS A 317 -28.77 1.64 -10.17
CA HIS A 317 -27.96 2.61 -10.92
C HIS A 317 -28.60 3.06 -12.23
N ARG A 318 -29.05 2.10 -13.04
CA ARG A 318 -29.75 2.40 -14.29
C ARG A 318 -31.00 3.27 -14.08
N ASN A 319 -31.88 2.84 -13.18
CA ASN A 319 -33.16 3.49 -12.98
C ASN A 319 -33.07 4.88 -12.33
N GLU A 320 -31.98 5.13 -11.61
CA GLU A 320 -31.72 6.42 -11.01
C GLU A 320 -30.93 7.37 -11.91
N GLY A 321 -30.49 6.90 -13.07
CA GLY A 321 -29.65 7.72 -13.95
C GLY A 321 -28.27 8.01 -13.38
N ILE A 322 -27.70 7.07 -12.63
CA ILE A 322 -26.35 7.25 -12.07
C ILE A 322 -25.51 6.15 -12.68
N PRO A 323 -24.93 6.43 -13.86
CA PRO A 323 -24.31 5.37 -14.61
C PRO A 323 -23.04 4.91 -13.93
N VAL A 324 -22.84 3.60 -13.98
CA VAL A 324 -21.65 2.99 -13.44
C VAL A 324 -20.92 2.36 -14.62
N SER A 325 -19.59 2.43 -14.62
CA SER A 325 -18.79 1.76 -15.67
C SER A 325 -18.07 0.47 -15.21
N VAL A 326 -17.97 0.24 -13.91
CA VAL A 326 -17.25 -0.93 -13.35
C VAL A 326 -17.97 -1.38 -12.07
N VAL A 327 -18.19 -2.69 -11.95
CA VAL A 327 -18.62 -3.28 -10.70
C VAL A 327 -17.53 -4.19 -10.14
N VAL A 328 -17.25 -4.04 -8.85
CA VAL A 328 -16.30 -4.89 -8.15
C VAL A 328 -17.07 -5.82 -7.24
N ILE A 329 -16.79 -7.12 -7.33
CA ILE A 329 -17.42 -8.15 -6.49
C ILE A 329 -16.30 -8.74 -5.67
N GLU A 330 -16.43 -8.63 -4.37
CA GLU A 330 -15.43 -9.15 -3.42
C GLU A 330 -15.84 -10.52 -2.92
N ALA A 331 -17.06 -10.61 -2.41
CA ALA A 331 -17.59 -11.86 -1.86
C ALA A 331 -18.27 -12.64 -2.98
N TRP A 332 -17.47 -13.13 -3.91
CA TRP A 332 -17.91 -13.88 -5.04
C TRP A 332 -17.68 -15.39 -4.90
N SER A 333 -16.64 -15.78 -4.14
CA SER A 333 -16.15 -17.15 -4.20
C SER A 333 -16.67 -18.00 -3.05
N ASP A 334 -16.21 -19.24 -3.02
CA ASP A 334 -16.48 -20.16 -1.96
C ASP A 334 -15.80 -19.79 -0.62
N GLU A 335 -15.04 -18.68 -0.59
CA GLU A 335 -14.37 -18.20 0.64
C GLU A 335 -13.36 -19.21 1.23
N GLU A 336 -12.88 -20.14 0.39
CA GLU A 336 -11.88 -21.11 0.79
C GLU A 336 -10.67 -21.00 -0.11
N GLY A 337 -10.86 -21.14 -1.44
CA GLY A 337 -9.79 -21.08 -2.44
C GLY A 337 -9.76 -19.89 -3.42
N PHE A 338 -10.77 -19.03 -3.35
CA PHE A 338 -10.84 -17.80 -4.17
C PHE A 338 -10.59 -18.00 -5.67
N THR A 339 -11.06 -19.14 -6.16
CA THR A 339 -10.92 -19.59 -7.54
C THR A 339 -12.27 -19.99 -8.18
N ILE A 340 -13.26 -20.29 -7.34
CA ILE A 340 -14.55 -20.86 -7.75
C ILE A 340 -15.68 -20.06 -7.12
N PHE A 341 -16.69 -19.73 -7.92
CA PHE A 341 -17.89 -19.04 -7.44
C PHE A 341 -18.64 -19.86 -6.35
N ARG A 342 -19.15 -19.17 -5.33
CA ARG A 342 -19.85 -19.82 -4.21
C ARG A 342 -21.02 -20.68 -4.68
N ASP A 343 -21.14 -21.88 -4.10
CA ASP A 343 -22.18 -22.88 -4.46
C ASP A 343 -22.03 -23.59 -5.82
N ALA A 344 -21.02 -23.24 -6.62
CA ALA A 344 -20.71 -24.01 -7.83
C ALA A 344 -20.44 -25.47 -7.50
N ARG A 345 -20.91 -26.34 -8.37
CA ARG A 345 -20.70 -27.79 -8.26
C ARG A 345 -19.78 -28.25 -9.37
N TYR A 346 -18.98 -29.27 -9.09
CA TYR A 346 -17.89 -29.68 -9.96
C TYR A 346 -17.31 -30.99 -9.48
N VAL A 347 -16.67 -31.70 -10.41
CA VAL A 347 -15.91 -32.89 -10.10
C VAL A 347 -14.61 -32.41 -9.43
N PRO A 348 -14.23 -33.00 -8.28
CA PRO A 348 -12.98 -32.59 -7.62
C PRO A 348 -11.72 -32.75 -8.51
N ASN A 349 -10.91 -31.70 -8.54
CA ASN A 349 -9.57 -31.74 -9.16
C ASN A 349 -8.54 -32.07 -8.10
N GLN A 350 -7.37 -32.55 -8.50
CA GLN A 350 -6.23 -32.77 -7.57
C GLN A 350 -5.37 -31.49 -7.51
N GLY A 351 -6.03 -30.32 -7.49
CA GLY A 351 -5.32 -29.04 -7.47
C GLY A 351 -4.91 -28.45 -8.80
N GLN A 352 -5.14 -29.13 -9.93
CA GLN A 352 -4.88 -28.50 -11.23
C GLN A 352 -6.02 -27.53 -11.61
N PRO A 353 -5.75 -26.61 -12.56
CA PRO A 353 -6.75 -25.58 -12.86
C PRO A 353 -8.05 -26.11 -13.45
N HIS A 354 -9.16 -25.49 -13.08
CA HIS A 354 -10.46 -25.76 -13.70
C HIS A 354 -10.64 -24.95 -14.99
N ARG A 355 -11.51 -25.45 -15.87
CA ARG A 355 -12.08 -24.64 -16.96
C ARG A 355 -13.54 -24.36 -16.66
N GLY A 356 -14.11 -23.39 -17.37
CA GLY A 356 -15.51 -22.99 -17.22
C GLY A 356 -16.54 -24.08 -17.39
N PRO A 357 -16.37 -24.97 -18.38
CA PRO A 357 -17.33 -26.09 -18.52
C PRO A 357 -17.31 -27.15 -17.40
N ASP A 358 -16.33 -27.10 -16.52
CA ASP A 358 -16.32 -27.93 -15.32
C ASP A 358 -17.44 -27.66 -14.31
N PHE A 359 -18.10 -26.50 -14.38
CA PHE A 359 -19.00 -26.08 -13.33
C PHE A 359 -20.47 -26.14 -13.73
N THR A 360 -21.27 -26.62 -12.79
CA THR A 360 -22.71 -26.52 -12.83
C THR A 360 -23.11 -25.64 -11.67
N TYR A 361 -24.07 -24.76 -11.89
CA TYR A 361 -24.45 -23.79 -10.88
C TYR A 361 -25.91 -24.06 -10.50
N PRO A 362 -26.18 -24.41 -9.22
CA PRO A 362 -27.58 -24.60 -8.82
C PRO A 362 -28.47 -23.34 -9.01
N SER A 363 -29.72 -23.56 -9.37
CA SER A 363 -30.68 -22.49 -9.59
C SER A 363 -30.90 -21.71 -8.31
N ASP A 364 -30.98 -22.42 -7.19
CA ASP A 364 -31.16 -21.78 -5.89
C ASP A 364 -29.86 -21.46 -5.13
N GLY A 365 -28.71 -21.44 -5.82
CA GLY A 365 -27.44 -21.02 -5.20
C GLY A 365 -27.20 -19.52 -5.32
N ALA A 366 -26.12 -19.04 -4.72
CA ALA A 366 -25.80 -17.62 -4.72
C ALA A 366 -25.52 -17.08 -6.11
N TRP A 367 -24.89 -17.89 -6.97
CA TRP A 367 -24.55 -17.47 -8.33
C TRP A 367 -25.11 -18.52 -9.33
N PRO A 368 -26.40 -18.36 -9.73
CA PRO A 368 -27.01 -19.34 -10.66
C PRO A 368 -26.47 -19.35 -12.08
N ASP A 369 -25.84 -18.26 -12.50
CA ASP A 369 -25.31 -18.15 -13.86
C ASP A 369 -24.33 -16.96 -13.92
N PRO A 370 -23.15 -17.12 -13.31
CA PRO A 370 -22.12 -16.05 -13.33
C PRO A 370 -21.71 -15.58 -14.73
N ALA A 371 -21.58 -16.51 -15.68
CA ALA A 371 -21.31 -16.15 -17.09
C ALA A 371 -22.42 -15.26 -17.66
N GLY A 372 -23.68 -15.58 -17.34
CA GLY A 372 -24.84 -14.75 -17.72
C GLY A 372 -24.86 -13.36 -17.09
N MET A 373 -24.51 -13.26 -15.81
CA MET A 373 -24.33 -11.95 -15.16
C MET A 373 -23.32 -11.10 -15.92
N ILE A 374 -22.15 -11.68 -16.19
CA ILE A 374 -21.02 -10.97 -16.80
C ILE A 374 -21.36 -10.53 -18.24
N ARG A 375 -22.00 -11.40 -18.99
CA ARG A 375 -22.46 -11.07 -20.33
C ARG A 375 -23.49 -9.92 -20.34
N GLU A 376 -24.47 -10.00 -19.45
CA GLU A 376 -25.51 -9.00 -19.38
C GLU A 376 -24.93 -7.67 -19.00
N LEU A 377 -24.07 -7.67 -17.99
CA LEU A 377 -23.41 -6.45 -17.57
C LEU A 377 -22.56 -5.83 -18.65
N HIS A 378 -21.82 -6.64 -19.41
CA HIS A 378 -21.10 -6.18 -20.62
C HIS A 378 -22.01 -5.53 -21.67
N GLU A 379 -23.13 -6.19 -22.00
CA GLU A 379 -24.21 -5.64 -22.86
C GLU A 379 -24.76 -4.28 -22.37
N ARG A 380 -24.68 -4.02 -21.07
CA ARG A 380 -24.99 -2.72 -20.48
C ARG A 380 -23.82 -1.74 -20.43
N GLY A 381 -22.63 -2.14 -20.85
CA GLY A 381 -21.46 -1.28 -20.78
C GLY A 381 -20.76 -1.28 -19.43
N ILE A 382 -20.90 -2.35 -18.66
CA ILE A 382 -20.32 -2.41 -17.29
C ILE A 382 -19.32 -3.54 -17.26
N ARG A 383 -18.13 -3.26 -16.74
CA ARG A 383 -17.07 -4.27 -16.63
C ARG A 383 -17.05 -4.86 -15.23
N VAL A 384 -16.53 -6.08 -15.11
CA VAL A 384 -16.57 -6.81 -13.82
C VAL A 384 -15.15 -7.09 -13.32
N ILE A 385 -14.94 -6.89 -12.03
CA ILE A 385 -13.65 -7.08 -11.36
C ILE A 385 -13.87 -7.99 -10.13
N LEU A 386 -13.00 -9.00 -9.95
CA LEU A 386 -13.10 -9.93 -8.83
C LEU A 386 -11.93 -9.80 -7.86
N TRP A 387 -12.22 -9.81 -6.56
CA TRP A 387 -11.22 -9.64 -5.51
C TRP A 387 -10.34 -10.88 -5.45
N GLN A 388 -9.08 -10.65 -5.09
CA GLN A 388 -8.07 -11.69 -4.97
C GLN A 388 -7.18 -11.30 -3.81
N ILE A 389 -6.50 -12.33 -3.27
CA ILE A 389 -5.62 -12.21 -2.11
C ILE A 389 -4.46 -13.19 -2.39
N PRO A 390 -3.19 -12.79 -2.12
CA PRO A 390 -2.06 -13.68 -2.35
C PRO A 390 -1.75 -14.53 -1.09
N LEU A 391 -2.75 -15.32 -0.71
CA LEU A 391 -2.70 -16.20 0.43
C LEU A 391 -3.52 -17.46 0.07
N GLN A 392 -3.04 -18.62 0.49
CA GLN A 392 -3.80 -19.88 0.39
C GLN A 392 -4.15 -20.32 1.80
N LYS A 393 -5.44 -20.22 2.14
CA LYS A 393 -5.90 -20.64 3.48
C LYS A 393 -5.54 -22.11 3.76
N THR A 394 -5.22 -22.38 5.03
CA THR A 394 -4.95 -23.73 5.55
C THR A 394 -5.78 -24.01 6.82
N ASP A 395 -6.99 -23.44 6.94
CA ASP A 395 -7.88 -23.72 8.09
C ASP A 395 -8.12 -25.23 8.08
N ASP A 396 -8.38 -25.79 9.26
CA ASP A 396 -8.84 -27.19 9.35
C ASP A 396 -10.35 -27.38 9.01
N ASP A 397 -11.08 -26.29 8.77
CA ASP A 397 -12.47 -26.30 8.27
C ASP A 397 -12.62 -26.59 6.78
N LEU A 398 -11.54 -26.42 6.01
CA LEU A 398 -11.66 -26.37 4.54
C LEU A 398 -12.19 -27.68 3.97
N GLY A 399 -12.87 -27.56 2.83
CA GLY A 399 -13.35 -28.68 2.06
C GLY A 399 -12.21 -29.30 1.26
N PRO A 400 -12.46 -30.43 0.59
CA PRO A 400 -11.39 -31.16 -0.12
C PRO A 400 -10.69 -30.39 -1.26
N GLU A 401 -11.43 -29.59 -2.02
CA GLU A 401 -10.86 -28.84 -3.14
C GLU A 401 -9.78 -27.82 -2.71
N ALA A 402 -10.07 -27.07 -1.65
CA ALA A 402 -9.11 -26.07 -1.15
C ALA A 402 -7.88 -26.69 -0.49
N LEU A 403 -8.06 -27.81 0.20
CA LEU A 403 -6.92 -28.58 0.76
C LEU A 403 -6.01 -29.08 -0.38
N ALA A 404 -6.60 -29.71 -1.40
CA ALA A 404 -5.85 -30.19 -2.58
C ALA A 404 -5.12 -29.04 -3.29
N GLN A 405 -5.80 -27.89 -3.41
CA GLN A 405 -5.20 -26.67 -3.98
C GLN A 405 -3.99 -26.22 -3.15
N GLY A 406 -4.15 -26.21 -1.82
CA GLY A 406 -3.06 -25.98 -0.90
C GLY A 406 -1.88 -26.95 -1.00
N ASN A 407 -2.15 -28.26 -0.93
CA ASN A 407 -1.08 -29.28 -1.10
C ASN A 407 -0.37 -29.21 -2.46
N ALA A 408 -1.11 -28.85 -3.51
CA ALA A 408 -0.50 -28.72 -4.85
C ALA A 408 0.39 -27.49 -4.96
N LEU A 409 0.03 -26.40 -4.28
CA LEU A 409 0.89 -25.21 -4.22
C LEU A 409 2.20 -25.56 -3.53
N ILE A 410 2.14 -26.19 -2.36
CA ILE A 410 3.36 -26.63 -1.64
C ILE A 410 4.15 -27.60 -2.51
N ALA A 411 3.47 -28.56 -3.14
CA ALA A 411 4.13 -29.56 -3.99
C ALA A 411 4.82 -28.97 -5.23
N SER A 412 4.30 -27.85 -5.74
CA SER A 412 4.90 -27.14 -6.87
C SER A 412 6.26 -26.50 -6.56
N GLY A 413 6.57 -26.30 -5.27
CA GLY A 413 7.73 -25.52 -4.86
C GLY A 413 7.47 -24.01 -4.86
N HIS A 414 6.37 -23.55 -5.46
CA HIS A 414 6.17 -22.12 -5.69
C HIS A 414 5.52 -21.46 -4.49
N VAL A 415 6.17 -21.61 -3.33
CA VAL A 415 5.67 -21.07 -2.06
C VAL A 415 6.82 -20.35 -1.37
N VAL A 416 6.55 -19.21 -0.77
CA VAL A 416 7.56 -18.49 0.01
C VAL A 416 7.95 -19.42 1.17
N LYS A 417 9.23 -19.52 1.48
CA LYS A 417 9.68 -20.50 2.49
C LYS A 417 10.41 -19.87 3.67
N GLU A 418 10.37 -20.57 4.79
CA GLU A 418 11.18 -20.25 5.96
C GLU A 418 12.64 -20.59 5.66
N PRO A 419 13.59 -20.08 6.49
CA PRO A 419 14.98 -20.51 6.26
C PRO A 419 15.18 -22.05 6.17
N ASP A 420 14.45 -22.83 6.98
CA ASP A 420 14.59 -24.31 6.94
C ASP A 420 14.08 -25.02 5.69
N GLY A 421 13.37 -24.31 4.82
CA GLY A 421 12.89 -24.89 3.56
C GLY A 421 11.40 -25.19 3.55
N THR A 422 10.76 -25.17 4.72
CA THR A 422 9.34 -25.48 4.81
C THR A 422 8.53 -24.23 4.46
N PRO A 423 7.23 -24.40 4.17
CA PRO A 423 6.48 -23.22 3.70
C PRO A 423 6.29 -22.12 4.75
N TYR A 424 6.35 -20.87 4.29
CA TYR A 424 6.05 -19.74 5.14
C TYR A 424 4.58 -19.72 5.54
N LYS A 425 4.32 -19.66 6.84
CA LYS A 425 2.96 -19.57 7.37
C LYS A 425 2.68 -18.13 7.79
N ASN A 426 1.62 -17.55 7.25
CA ASN A 426 1.34 -16.14 7.48
C ASN A 426 1.28 -15.80 8.97
N ARG A 427 2.13 -14.86 9.36
CA ARG A 427 2.29 -14.48 10.77
C ARG A 427 1.22 -13.51 11.29
N GLY A 428 0.39 -12.97 10.40
CA GLY A 428 -0.74 -12.14 10.83
C GLY A 428 -1.85 -12.91 11.53
N TRP A 429 -2.87 -12.18 11.99
CA TRP A 429 -4.08 -12.73 12.62
C TRP A 429 -5.28 -12.81 11.62
N TRP A 430 -5.24 -11.99 10.56
CA TRP A 430 -6.09 -12.12 9.35
C TRP A 430 -5.51 -13.27 8.52
N PHE A 431 -6.32 -14.29 8.22
CA PHE A 431 -5.90 -15.49 7.44
C PHE A 431 -4.69 -16.15 8.13
N PRO A 432 -4.86 -16.59 9.39
CA PRO A 432 -3.74 -17.09 10.16
C PRO A 432 -3.13 -18.34 9.56
N ASN A 433 -1.81 -18.37 9.48
CA ASN A 433 -1.06 -19.53 9.01
C ASN A 433 -1.28 -19.91 7.54
N ALA A 434 -1.82 -18.98 6.75
CA ALA A 434 -2.03 -19.20 5.33
C ALA A 434 -0.67 -19.27 4.59
N LEU A 435 -0.64 -20.00 3.50
CA LEU A 435 0.55 -20.09 2.66
C LEU A 435 0.58 -18.86 1.76
N MET A 436 1.78 -18.53 1.29
CA MET A 436 2.01 -17.37 0.45
C MET A 436 2.65 -17.87 -0.85
N PRO A 437 1.96 -17.70 -1.99
CA PRO A 437 2.58 -18.17 -3.23
C PRO A 437 3.82 -17.37 -3.55
N ASP A 438 4.82 -18.05 -4.12
CA ASP A 438 6.07 -17.41 -4.53
C ASP A 438 5.86 -16.85 -5.91
N LEU A 439 5.81 -15.53 -6.01
CA LEU A 439 5.53 -14.86 -7.25
C LEU A 439 6.78 -14.16 -7.74
N SER A 440 7.95 -14.62 -7.27
CA SER A 440 9.22 -13.99 -7.61
C SER A 440 9.79 -14.41 -8.98
N THR A 441 9.22 -15.46 -9.57
CA THR A 441 9.67 -16.02 -10.85
C THR A 441 8.48 -16.17 -11.79
N GLU A 442 8.74 -16.18 -13.10
CA GLU A 442 7.69 -16.35 -14.12
C GLU A 442 6.87 -17.64 -13.89
N ALA A 443 7.55 -18.73 -13.57
CA ALA A 443 6.91 -20.03 -13.38
C ALA A 443 5.96 -20.04 -12.19
N GLY A 444 6.34 -19.38 -11.11
CA GLY A 444 5.50 -19.26 -9.92
C GLY A 444 4.29 -18.33 -10.08
N ARG A 445 4.47 -17.22 -10.79
CA ARG A 445 3.36 -16.33 -11.13
C ARG A 445 2.39 -17.05 -12.04
N GLN A 446 2.91 -17.76 -13.02
CA GLN A 446 2.05 -18.49 -13.93
C GLN A 446 1.30 -19.61 -13.22
N TRP A 447 1.95 -20.26 -12.27
CA TRP A 447 1.32 -21.36 -11.53
C TRP A 447 0.11 -20.84 -10.75
N TRP A 448 0.32 -19.79 -9.99
CA TRP A 448 -0.75 -19.15 -9.24
C TRP A 448 -1.91 -18.63 -10.11
N THR A 449 -1.60 -17.90 -11.18
CA THR A 449 -2.62 -17.28 -12.03
C THR A 449 -3.28 -18.26 -13.02
N GLU A 450 -2.65 -19.40 -13.31
CA GLU A 450 -3.29 -20.41 -14.14
C GLU A 450 -4.57 -20.95 -13.48
N GLN A 451 -4.58 -21.01 -12.15
CA GLN A 451 -5.76 -21.42 -11.39
C GLN A 451 -6.96 -20.51 -11.68
N ARG A 452 -6.69 -19.23 -12.00
CA ARG A 452 -7.70 -18.19 -12.28
C ARG A 452 -7.99 -17.91 -13.76
N ARG A 453 -7.29 -18.56 -14.68
CA ARG A 453 -7.33 -18.19 -16.10
C ARG A 453 -8.74 -18.32 -16.63
N TYR A 454 -9.42 -19.40 -16.27
CA TYR A 454 -10.79 -19.65 -16.76
C TYR A 454 -11.76 -18.52 -16.45
N LEU A 455 -11.50 -17.78 -15.35
CA LEU A 455 -12.34 -16.62 -14.99
C LEU A 455 -12.27 -15.56 -16.09
N VAL A 456 -11.08 -15.34 -16.62
CA VAL A 456 -10.89 -14.37 -17.68
C VAL A 456 -11.29 -14.95 -19.05
N GLU A 457 -10.77 -16.13 -19.38
CA GLU A 457 -10.94 -16.68 -20.73
C GLU A 457 -12.32 -17.24 -21.03
N ASP A 458 -12.97 -17.84 -20.03
CA ASP A 458 -14.28 -18.48 -20.24
C ASP A 458 -15.48 -17.69 -19.64
N LEU A 459 -15.31 -17.10 -18.47
CA LEU A 459 -16.36 -16.28 -17.87
C LEU A 459 -16.26 -14.77 -18.25
N ASP A 460 -15.12 -14.36 -18.81
CA ASP A 460 -14.94 -13.02 -19.41
C ASP A 460 -14.82 -11.84 -18.42
N ILE A 461 -14.29 -12.05 -17.20
CA ILE A 461 -14.04 -10.90 -16.31
C ILE A 461 -12.96 -10.00 -16.88
N ASP A 462 -12.98 -8.76 -16.41
CA ASP A 462 -12.18 -7.72 -16.99
C ASP A 462 -10.97 -7.37 -16.17
N GLY A 463 -10.87 -7.87 -14.95
CA GLY A 463 -9.76 -7.50 -14.08
C GLY A 463 -9.96 -8.02 -12.69
N PHE A 464 -9.03 -7.65 -11.82
CA PHE A 464 -8.97 -8.21 -10.48
C PHE A 464 -8.66 -7.10 -9.47
N LYS A 465 -9.35 -7.13 -8.35
CA LYS A 465 -8.94 -6.34 -7.21
C LYS A 465 -7.89 -7.17 -6.44
N THR A 466 -6.63 -6.91 -6.76
CA THR A 466 -5.48 -7.57 -6.16
C THR A 466 -5.11 -6.95 -4.80
N ASP A 467 -5.85 -7.39 -3.80
CA ASP A 467 -5.77 -6.85 -2.46
C ASP A 467 -4.66 -7.56 -1.72
N GLY A 468 -4.17 -6.96 -0.63
CA GLY A 468 -3.12 -7.53 0.20
C GLY A 468 -1.74 -7.44 -0.45
N GLY A 469 -0.92 -8.46 -0.23
CA GLY A 469 0.51 -8.46 -0.55
C GLY A 469 1.52 -8.02 0.53
N GLU A 470 1.04 -7.62 1.72
CA GLU A 470 1.88 -7.09 2.83
C GLU A 470 2.20 -8.12 3.89
N HIS A 471 1.98 -9.39 3.61
CA HIS A 471 1.95 -10.42 4.66
C HIS A 471 3.30 -11.06 4.99
N ALA A 472 4.29 -10.87 4.13
CA ALA A 472 5.58 -11.55 4.27
C ALA A 472 6.44 -10.79 5.27
N TRP A 473 6.62 -11.38 6.44
CA TRP A 473 7.52 -10.85 7.47
C TRP A 473 8.66 -11.85 7.71
N GLY A 474 9.89 -11.38 7.65
CA GLY A 474 11.05 -12.19 7.99
C GLY A 474 12.21 -11.90 7.06
N SER A 475 13.33 -11.44 7.63
CA SER A 475 14.59 -11.21 6.89
C SER A 475 15.14 -12.45 6.21
N ASP A 476 14.93 -13.60 6.84
CA ASP A 476 15.52 -14.87 6.39
C ASP A 476 14.60 -15.76 5.55
N LEU A 477 13.49 -15.22 5.01
CA LEU A 477 12.60 -16.00 4.14
C LEU A 477 13.28 -16.26 2.79
N ARG A 478 12.90 -17.33 2.09
CA ARG A 478 13.51 -17.68 0.79
C ARG A 478 12.52 -17.57 -0.36
N TYR A 479 12.95 -16.91 -1.44
CA TYR A 479 12.22 -16.83 -2.69
C TYR A 479 13.00 -17.54 -3.80
N GLU A 480 12.31 -17.91 -4.87
CA GLU A 480 12.91 -18.68 -5.98
C GLU A 480 13.81 -17.84 -6.89
N ASP A 481 13.62 -16.53 -6.87
CA ASP A 481 14.57 -15.63 -7.53
C ASP A 481 15.91 -15.53 -6.81
N GLY A 482 16.03 -16.13 -5.63
CA GLY A 482 17.28 -16.16 -4.91
C GLY A 482 17.37 -15.09 -3.85
N ARG A 483 16.40 -14.19 -3.80
CA ARG A 483 16.35 -13.18 -2.74
C ARG A 483 15.92 -13.82 -1.44
N ARG A 484 16.43 -13.25 -0.35
CA ARG A 484 15.93 -13.50 0.98
C ARG A 484 14.84 -12.48 1.31
N GLY A 485 14.18 -12.64 2.45
CA GLY A 485 13.07 -11.76 2.82
C GLY A 485 13.42 -10.29 3.03
N ASP A 486 14.66 -10.03 3.43
CA ASP A 486 15.15 -8.65 3.52
C ASP A 486 14.99 -7.85 2.21
N GLU A 487 15.13 -8.49 1.04
CA GLU A 487 14.88 -7.86 -0.26
C GLU A 487 13.53 -8.24 -0.90
N GLY A 488 13.03 -9.45 -0.64
CA GLY A 488 11.85 -9.96 -1.34
C GLY A 488 10.49 -9.50 -0.84
N ASN A 489 10.40 -9.27 0.46
CA ASN A 489 9.14 -8.94 1.14
C ASN A 489 8.52 -7.63 0.68
N ASN A 490 9.33 -6.58 0.59
CA ASN A 490 8.87 -5.31 0.01
C ASN A 490 8.58 -5.42 -1.47
N LEU A 491 9.34 -6.26 -2.17
CA LEU A 491 9.10 -6.49 -3.59
C LEU A 491 7.82 -7.28 -3.87
N TYR A 492 7.29 -8.04 -2.90
CA TYR A 492 6.15 -8.95 -3.10
C TYR A 492 4.94 -8.34 -3.82
N PRO A 493 4.41 -7.19 -3.36
CA PRO A 493 3.20 -6.69 -4.01
C PRO A 493 3.42 -6.24 -5.46
N VAL A 494 4.65 -5.86 -5.80
CA VAL A 494 5.01 -5.54 -7.18
C VAL A 494 4.91 -6.79 -8.02
N ASN A 495 5.54 -7.88 -7.58
CA ASN A 495 5.44 -9.15 -8.29
C ASN A 495 4.02 -9.66 -8.42
N TYR A 496 3.22 -9.37 -7.39
CA TYR A 496 1.82 -9.80 -7.27
C TYR A 496 0.91 -9.12 -8.27
N ALA A 497 1.01 -7.81 -8.36
CA ALA A 497 0.23 -7.06 -9.35
C ALA A 497 0.70 -7.44 -10.75
N ARG A 498 2.01 -7.55 -10.93
CA ARG A 498 2.57 -8.02 -12.18
C ARG A 498 2.00 -9.36 -12.61
N ALA A 499 1.84 -10.27 -11.66
CA ALA A 499 1.36 -11.64 -11.98
C ALA A 499 0.03 -11.62 -12.68
N TYR A 500 -0.90 -10.86 -12.12
CA TYR A 500 -2.27 -10.80 -12.63
C TYR A 500 -2.40 -9.97 -13.90
N GLY A 501 -1.62 -8.89 -14.00
CA GLY A 501 -1.50 -8.13 -15.24
C GLY A 501 -1.10 -9.02 -16.41
N ASP A 502 -0.06 -9.83 -16.20
CA ASP A 502 0.42 -10.76 -17.23
C ASP A 502 -0.65 -11.79 -17.57
N LEU A 503 -1.41 -12.26 -16.58
CA LEU A 503 -2.53 -13.16 -16.87
C LEU A 503 -3.50 -12.50 -17.84
N LEU A 504 -3.91 -11.27 -17.52
CA LEU A 504 -4.88 -10.52 -18.33
C LEU A 504 -4.40 -10.21 -19.76
N ARG A 505 -3.14 -9.77 -19.91
CA ARG A 505 -2.53 -9.59 -21.24
C ARG A 505 -2.54 -10.87 -22.06
N SER A 506 -2.13 -11.99 -21.45
CA SER A 506 -2.09 -13.27 -22.15
C SER A 506 -3.48 -13.72 -22.60
N ALA A 507 -4.52 -13.21 -21.94
CA ALA A 507 -5.91 -13.49 -22.31
C ALA A 507 -6.58 -12.46 -23.23
N GLY A 508 -5.81 -11.52 -23.78
CA GLY A 508 -6.33 -10.53 -24.73
C GLY A 508 -6.98 -9.31 -24.11
N LYS A 509 -6.65 -9.01 -22.84
CA LYS A 509 -7.28 -7.90 -22.11
C LYS A 509 -6.27 -6.92 -21.50
N TYR A 510 -6.76 -5.71 -21.20
CA TYR A 510 -5.98 -4.71 -20.53
C TYR A 510 -5.63 -5.22 -19.13
N PRO A 511 -4.43 -4.86 -18.60
CA PRO A 511 -3.98 -5.27 -17.26
C PRO A 511 -4.57 -4.45 -16.13
N VAL A 512 -5.90 -4.47 -16.03
CA VAL A 512 -6.60 -3.73 -15.03
C VAL A 512 -6.56 -4.54 -13.73
N THR A 513 -5.53 -4.30 -12.93
CA THR A 513 -5.47 -4.78 -11.56
C THR A 513 -5.74 -3.58 -10.65
N PHE A 514 -6.33 -3.82 -9.50
CA PHE A 514 -6.69 -2.76 -8.55
C PHE A 514 -6.10 -3.17 -7.20
N SER A 515 -5.00 -2.49 -6.80
CA SER A 515 -4.17 -2.91 -5.69
C SER A 515 -4.05 -1.79 -4.66
N ARG A 516 -3.69 -2.15 -3.43
CA ARG A 516 -3.43 -1.17 -2.38
C ARG A 516 -1.97 -1.12 -1.97
N SER A 517 -1.21 -2.20 -2.11
CA SER A 517 0.19 -2.13 -1.76
C SER A 517 1.14 -2.21 -2.95
N GLY A 518 2.33 -1.70 -2.71
CA GLY A 518 3.33 -1.65 -3.73
C GLY A 518 4.65 -1.10 -3.25
N PHE A 519 5.52 -0.89 -4.23
CA PHE A 519 6.90 -0.47 -4.00
C PHE A 519 7.42 0.11 -5.33
N THR A 520 8.70 0.48 -5.37
CA THR A 520 9.41 0.81 -6.59
C THR A 520 9.12 -0.27 -7.63
N GLY A 521 8.57 0.14 -8.79
CA GLY A 521 8.11 -0.79 -9.83
C GLY A 521 6.61 -0.82 -10.04
N SER A 522 5.85 -0.52 -8.98
CA SER A 522 4.39 -0.54 -9.00
C SER A 522 3.78 0.37 -10.06
N GLN A 523 4.51 1.42 -10.42
CA GLN A 523 4.07 2.38 -11.45
C GLN A 523 3.61 1.71 -12.74
N ALA A 524 4.27 0.62 -13.12
CA ALA A 524 3.99 -0.08 -14.38
C ALA A 524 2.81 -1.06 -14.34
N HIS A 525 2.23 -1.32 -13.17
CA HIS A 525 1.34 -2.45 -12.99
C HIS A 525 0.01 -2.01 -12.41
N GLY A 526 -0.90 -1.65 -13.30
CA GLY A 526 -2.30 -1.46 -12.95
C GLY A 526 -2.65 -0.22 -12.17
N LEU A 527 -3.76 -0.32 -11.43
CA LEU A 527 -4.38 0.81 -10.72
C LEU A 527 -4.12 0.60 -9.27
N TYR A 528 -4.32 1.67 -8.48
CA TYR A 528 -4.09 1.70 -7.05
C TYR A 528 -5.22 2.43 -6.31
N TRP A 529 -5.60 1.97 -5.11
CA TRP A 529 -6.51 2.71 -4.21
C TRP A 529 -5.86 2.86 -2.85
N ALA A 530 -6.30 3.84 -2.07
CA ALA A 530 -5.64 4.25 -0.81
C ALA A 530 -5.89 3.36 0.43
N GLY A 531 -6.65 2.28 0.27
CA GLY A 531 -6.90 1.33 1.34
C GLY A 531 -8.04 1.66 2.28
N ASP A 532 -7.92 1.20 3.52
CA ASP A 532 -9.02 1.15 4.48
C ASP A 532 -9.06 2.38 5.36
N GLU A 533 -10.22 3.05 5.43
CA GLU A 533 -10.42 4.16 6.37
C GLU A 533 -11.82 4.22 6.91
N ASP A 534 -11.95 4.88 8.07
CA ASP A 534 -13.24 5.28 8.64
C ASP A 534 -13.83 6.42 7.82
N SER A 535 -15.10 6.69 8.06
CA SER A 535 -15.85 7.74 7.38
C SER A 535 -15.76 9.03 8.19
N THR A 536 -14.60 9.68 8.11
CA THR A 536 -14.33 10.90 8.85
C THR A 536 -13.75 12.00 7.96
N TRP A 537 -13.82 13.23 8.46
CA TRP A 537 -13.25 14.39 7.76
C TRP A 537 -11.72 14.31 7.71
N GLU A 538 -11.09 13.87 8.80
CA GLU A 538 -9.63 13.71 8.82
C GLU A 538 -9.16 12.69 7.78
N ALA A 539 -9.93 11.61 7.57
CA ALA A 539 -9.56 10.58 6.61
C ALA A 539 -9.75 11.07 5.18
N PHE A 540 -10.76 11.89 4.97
CA PHE A 540 -10.96 12.60 3.68
C PHE A 540 -9.70 13.43 3.36
N ARG A 541 -9.24 14.22 4.33
CA ARG A 541 -8.07 15.07 4.15
C ARG A 541 -6.85 14.21 3.87
N SER A 542 -6.70 13.20 4.69
CA SER A 542 -5.62 12.24 4.58
C SER A 542 -5.59 11.52 3.21
N SER A 543 -6.76 11.21 2.64
CA SER A 543 -6.87 10.56 1.34
C SER A 543 -6.43 11.46 0.16
N ILE A 544 -6.79 12.73 0.22
CA ILE A 544 -6.31 13.72 -0.75
C ILE A 544 -4.78 13.74 -0.77
N THR A 545 -4.17 13.90 0.40
CA THR A 545 -2.72 13.88 0.58
C THR A 545 -2.12 12.59 0.00
N ALA A 546 -2.77 11.45 0.23
CA ALA A 546 -2.32 10.17 -0.32
C ALA A 546 -2.29 10.13 -1.85
N GLY A 547 -3.31 10.71 -2.49
CA GLY A 547 -3.39 10.71 -3.95
C GLY A 547 -2.33 11.58 -4.58
N ILE A 548 -2.10 12.74 -3.98
CA ILE A 548 -1.11 13.70 -4.47
C ILE A 548 0.31 13.14 -4.29
N THR A 549 0.61 12.63 -3.12
CA THR A 549 1.94 12.05 -2.87
C THR A 549 2.19 10.84 -3.75
N ALA A 550 1.16 10.02 -3.94
CA ALA A 550 1.28 8.86 -4.80
C ALA A 550 1.52 9.29 -6.25
N GLY A 551 0.79 10.29 -6.72
CA GLY A 551 1.03 10.84 -8.04
C GLY A 551 2.47 11.31 -8.19
N ALA A 552 2.98 11.98 -7.16
CA ALA A 552 4.35 12.49 -7.14
C ALA A 552 5.47 11.43 -7.16
N CYS A 553 5.12 10.15 -7.05
CA CYS A 553 6.07 9.07 -7.26
C CYS A 553 5.68 8.18 -8.43
N GLY A 554 4.79 8.69 -9.31
CA GLY A 554 4.42 8.01 -10.54
C GLY A 554 3.30 6.98 -10.46
N ILE A 555 2.54 6.98 -9.35
CA ILE A 555 1.31 6.19 -9.26
C ILE A 555 0.18 7.03 -9.84
N LEU A 556 -0.08 6.80 -11.13
CA LEU A 556 -0.95 7.70 -11.90
C LEU A 556 -2.41 7.38 -11.71
N TYR A 557 -2.76 6.10 -11.78
CA TYR A 557 -4.13 5.66 -11.71
C TYR A 557 -4.52 5.31 -10.27
N TRP A 558 -4.82 6.36 -9.51
CA TRP A 558 -5.07 6.28 -8.09
C TRP A 558 -6.52 6.58 -7.76
N GLY A 559 -7.09 5.85 -6.80
CA GLY A 559 -8.40 6.18 -6.24
C GLY A 559 -8.45 5.97 -4.75
N TRP A 560 -9.64 6.11 -4.19
CA TRP A 560 -9.89 5.86 -2.76
C TRP A 560 -11.35 5.47 -2.59
N ASP A 561 -11.70 4.95 -1.41
CA ASP A 561 -13.10 4.65 -1.05
C ASP A 561 -13.74 5.96 -0.63
N LEU A 562 -14.50 6.58 -1.55
CA LEU A 562 -14.98 7.92 -1.29
C LEU A 562 -15.84 7.98 -0.01
N ALA A 563 -15.53 8.94 0.86
CA ALA A 563 -16.23 9.13 2.14
C ALA A 563 -16.02 8.01 3.17
N GLY A 564 -15.11 7.08 2.93
CA GLY A 564 -14.77 6.03 3.89
C GLY A 564 -15.59 4.77 3.66
N PHE A 565 -15.01 3.60 3.97
CA PHE A 565 -15.70 2.32 3.79
C PHE A 565 -16.10 1.62 5.10
N SER A 566 -15.54 2.03 6.24
CA SER A 566 -15.70 1.33 7.51
C SER A 566 -16.56 2.12 8.49
N GLY A 567 -17.32 1.41 9.33
CA GLY A 567 -18.17 2.02 10.36
C GLY A 567 -19.52 2.41 9.76
N PRO A 568 -20.39 3.04 10.57
CA PRO A 568 -21.65 3.60 10.08
C PRO A 568 -21.51 4.43 8.79
N VAL A 569 -22.58 4.57 8.03
CA VAL A 569 -22.51 5.34 6.80
C VAL A 569 -22.04 6.78 7.10
N PRO A 570 -21.27 7.37 6.19
CA PRO A 570 -20.87 8.76 6.42
C PRO A 570 -22.07 9.69 6.60
N GLU A 571 -21.93 10.74 7.41
CA GLU A 571 -22.96 11.79 7.48
C GLU A 571 -23.13 12.41 6.09
N ALA A 572 -24.32 12.94 5.81
CA ALA A 572 -24.67 13.42 4.48
C ALA A 572 -23.68 14.44 3.92
N GLU A 573 -23.26 15.38 4.77
CA GLU A 573 -22.35 16.45 4.36
C GLU A 573 -21.01 15.90 3.86
N LEU A 574 -20.47 14.90 4.56
CA LEU A 574 -19.20 14.27 4.21
C LEU A 574 -19.28 13.55 2.86
N TYR A 575 -20.32 12.74 2.71
CA TYR A 575 -20.60 12.05 1.46
C TYR A 575 -20.70 13.04 0.31
N ALA A 576 -21.46 14.13 0.50
CA ALA A 576 -21.62 15.16 -0.54
C ALA A 576 -20.26 15.72 -0.93
N ARG A 577 -19.48 16.18 0.07
CA ARG A 577 -18.16 16.78 -0.20
C ARG A 577 -17.18 15.77 -0.82
N ALA A 578 -17.22 14.53 -0.35
CA ALA A 578 -16.28 13.50 -0.80
C ALA A 578 -16.61 13.05 -2.21
N PHE A 579 -17.90 12.86 -2.50
CA PHE A 579 -18.35 12.43 -3.83
C PHE A 579 -17.93 13.48 -4.85
N ALA A 580 -18.05 14.75 -4.47
CA ALA A 580 -17.65 15.86 -5.31
C ALA A 580 -16.16 15.85 -5.62
N ALA A 581 -15.37 15.73 -4.57
CA ALA A 581 -13.94 15.65 -4.69
C ALA A 581 -13.58 14.46 -5.56
N ALA A 582 -14.21 13.32 -5.29
CA ALA A 582 -13.85 12.09 -5.97
C ALA A 582 -14.10 12.15 -7.48
N THR A 583 -15.05 12.99 -7.91
CA THR A 583 -15.35 13.25 -9.31
C THR A 583 -14.15 13.87 -10.08
N PHE A 584 -13.29 14.57 -9.34
CA PHE A 584 -12.08 15.17 -9.90
C PHE A 584 -10.81 14.45 -9.42
N MET A 585 -10.88 13.12 -9.36
CA MET A 585 -9.70 12.32 -9.06
C MET A 585 -9.59 11.23 -10.10
N PRO A 586 -8.39 10.61 -10.25
CA PRO A 586 -8.20 9.70 -11.38
C PRO A 586 -9.17 8.51 -11.43
N ILE A 587 -9.35 7.82 -10.29
CA ILE A 587 -10.33 6.73 -10.18
C ILE A 587 -11.37 7.08 -9.13
N MET A 588 -12.64 7.02 -9.52
CA MET A 588 -13.79 7.38 -8.70
C MET A 588 -14.53 6.09 -8.34
N GLN A 589 -14.57 5.75 -7.04
CA GLN A 589 -15.40 4.64 -6.53
C GLN A 589 -15.84 4.76 -5.12
N TYR A 590 -16.96 4.09 -4.85
CA TYR A 590 -17.50 3.92 -3.53
C TYR A 590 -17.39 2.44 -3.18
N HIS A 591 -17.24 2.15 -1.91
CA HIS A 591 -17.01 0.83 -1.42
C HIS A 591 -17.52 0.80 0.05
N SER A 592 -17.82 -0.41 0.55
CA SER A 592 -18.23 -0.60 1.94
C SER A 592 -17.60 -1.86 2.49
N GLU A 593 -17.26 -1.81 3.78
CA GLU A 593 -16.65 -2.94 4.51
C GLU A 593 -17.68 -3.99 4.88
N PHE A 594 -17.23 -5.24 4.96
CA PHE A 594 -17.98 -6.35 5.50
C PHE A 594 -18.50 -6.02 6.89
N HIS A 595 -19.75 -6.38 7.14
CA HIS A 595 -20.46 -6.04 8.38
C HIS A 595 -21.38 -7.21 8.83
N HIS A 596 -21.02 -8.45 8.47
CA HIS A 596 -21.80 -9.68 8.81
C HIS A 596 -23.27 -9.71 8.37
N HIS A 597 -23.62 -8.89 7.37
CA HIS A 597 -25.02 -8.70 6.93
C HIS A 597 -25.98 -8.26 8.06
N GLU A 598 -25.40 -7.61 9.07
CA GLU A 598 -26.14 -7.04 10.19
C GLU A 598 -26.90 -5.82 9.69
N LEU A 599 -27.79 -5.31 10.55
CA LEU A 599 -28.54 -4.09 10.25
C LEU A 599 -27.90 -2.93 11.04
N PRO A 600 -28.00 -1.68 10.58
CA PRO A 600 -28.53 -1.32 9.28
C PRO A 600 -27.55 -1.69 8.15
N LEU A 601 -28.04 -1.65 6.92
CA LEU A 601 -27.22 -1.80 5.71
C LEU A 601 -26.10 -0.73 5.63
N ARG A 602 -24.87 -1.16 5.37
CA ARG A 602 -23.75 -0.21 5.32
C ARG A 602 -23.18 0.17 3.95
N ASP A 603 -23.93 -0.11 2.89
CA ASP A 603 -23.49 0.24 1.53
C ASP A 603 -23.23 1.75 1.43
N ARG A 604 -22.24 2.13 0.64
CA ARG A 604 -21.99 3.53 0.34
C ARG A 604 -22.67 3.95 -0.97
N THR A 605 -23.76 3.26 -1.33
CA THR A 605 -24.61 3.64 -2.44
C THR A 605 -25.27 4.99 -2.12
N PRO A 606 -25.46 5.87 -3.14
CA PRO A 606 -26.17 7.12 -2.91
C PRO A 606 -27.52 6.94 -2.19
N TRP A 607 -28.26 5.91 -2.60
CA TRP A 607 -29.58 5.62 -2.02
C TRP A 607 -29.52 5.11 -0.56
N ASN A 608 -28.58 4.22 -0.23
CA ASN A 608 -28.48 3.77 1.17
C ASN A 608 -28.04 4.93 2.11
N VAL A 609 -27.09 5.74 1.67
CA VAL A 609 -26.60 6.84 2.49
C VAL A 609 -27.71 7.88 2.63
N ALA A 610 -28.49 8.06 1.56
CA ALA A 610 -29.67 8.94 1.57
C ALA A 610 -30.70 8.49 2.60
N GLU A 611 -31.07 7.21 2.56
CA GLU A 611 -32.02 6.65 3.53
C GLU A 611 -31.48 6.71 4.97
N GLN A 612 -30.29 6.18 5.23
CA GLN A 612 -29.77 6.20 6.61
C GLN A 612 -29.61 7.64 7.16
N THR A 613 -29.26 8.61 6.33
CA THR A 613 -29.09 10.00 6.81
C THR A 613 -30.34 10.87 6.79
N GLY A 614 -31.44 10.37 6.23
CA GLY A 614 -32.63 11.16 5.94
C GLY A 614 -32.36 12.39 5.09
N CYS A 615 -31.50 12.25 4.08
CA CYS A 615 -31.16 13.33 3.17
C CYS A 615 -31.31 12.79 1.75
N GLY A 616 -32.56 12.84 1.28
CA GLY A 616 -32.94 12.32 -0.04
C GLY A 616 -32.22 13.04 -1.18
N GLU A 617 -31.91 14.32 -0.97
CA GLU A 617 -31.07 15.13 -1.87
C GLU A 617 -29.69 14.50 -2.30
N LEU A 618 -29.16 13.56 -1.52
CA LEU A 618 -27.92 12.91 -1.92
C LEU A 618 -28.04 12.12 -3.23
N ILE A 619 -29.23 11.61 -3.55
CA ILE A 619 -29.41 10.89 -4.81
C ILE A 619 -29.27 11.87 -5.99
N ASP A 620 -29.94 13.02 -5.91
CA ASP A 620 -29.80 14.11 -6.93
C ASP A 620 -28.37 14.57 -7.11
N LEU A 621 -27.69 14.72 -5.99
CA LEU A 621 -26.32 15.14 -5.97
C LEU A 621 -25.38 14.13 -6.62
N ALA A 622 -25.62 12.85 -6.38
CA ALA A 622 -24.89 11.80 -7.06
C ALA A 622 -25.15 11.81 -8.57
N ARG A 623 -26.41 12.08 -8.97
CA ARG A 623 -26.79 12.29 -10.39
C ARG A 623 -25.99 13.44 -10.99
N HIS A 624 -26.07 14.58 -10.33
CA HIS A 624 -25.30 15.77 -10.71
C HIS A 624 -23.80 15.50 -10.94
N TYR A 625 -23.13 14.92 -9.96
CA TYR A 625 -21.69 14.74 -10.06
C TYR A 625 -21.29 13.60 -10.99
N THR A 626 -22.15 12.58 -11.14
CA THR A 626 -21.89 11.52 -12.12
C THR A 626 -22.09 12.07 -13.56
N ARG A 627 -22.99 13.04 -13.75
CA ARG A 627 -23.06 13.76 -15.04
C ARG A 627 -21.77 14.57 -15.30
N VAL A 628 -21.23 15.22 -14.26
CA VAL A 628 -19.96 15.93 -14.36
C VAL A 628 -18.86 14.92 -14.71
N ARG A 629 -18.88 13.76 -14.05
CA ARG A 629 -17.88 12.76 -14.29
C ARG A 629 -17.84 12.32 -15.74
N GLU A 630 -19.00 12.00 -16.31
CA GLU A 630 -19.10 11.57 -17.70
C GLU A 630 -18.61 12.65 -18.68
N ALA A 631 -18.97 13.91 -18.43
CA ALA A 631 -18.52 15.06 -19.24
C ALA A 631 -17.01 15.29 -19.13
N LEU A 632 -16.45 14.82 -18.03
CA LEU A 632 -15.02 14.89 -17.76
C LEU A 632 -14.21 13.77 -18.44
N ARG A 633 -14.87 12.73 -18.96
CA ARG A 633 -14.14 11.56 -19.47
C ARG A 633 -13.18 11.78 -20.68
N PRO A 634 -13.59 12.54 -21.71
CA PRO A 634 -12.60 12.90 -22.77
C PRO A 634 -11.36 13.72 -22.26
N TYR A 635 -11.56 14.59 -21.26
CA TYR A 635 -10.46 15.30 -20.64
C TYR A 635 -9.54 14.35 -19.87
N LEU A 636 -10.14 13.39 -19.18
CA LEU A 636 -9.37 12.41 -18.42
C LEU A 636 -8.57 11.50 -19.36
N VAL A 637 -9.18 11.14 -20.48
CA VAL A 637 -8.52 10.29 -21.46
C VAL A 637 -7.33 11.04 -22.08
N ALA A 638 -7.57 12.27 -22.54
CA ALA A 638 -6.56 13.04 -23.23
C ALA A 638 -5.42 13.42 -22.29
N GLN A 639 -5.73 13.83 -21.07
CA GLN A 639 -4.69 14.24 -20.11
C GLN A 639 -3.84 13.06 -19.59
N THR A 640 -4.46 11.90 -19.43
CA THR A 640 -3.77 10.63 -19.18
C THR A 640 -2.75 10.30 -20.27
N ARG A 641 -3.17 10.35 -21.53
CA ARG A 641 -2.24 10.16 -22.67
C ARG A 641 -1.06 11.14 -22.63
N GLN A 642 -1.32 12.40 -22.35
CA GLN A 642 -0.26 13.40 -22.17
C GLN A 642 0.67 13.03 -21.01
N CYS A 643 0.10 12.72 -19.84
CA CYS A 643 0.86 12.24 -18.66
C CYS A 643 1.85 11.10 -18.95
N LEU A 644 1.43 10.14 -19.78
CA LEU A 644 2.30 9.03 -20.21
C LEU A 644 3.50 9.53 -20.99
N GLN A 645 3.31 10.53 -21.85
CA GLN A 645 4.43 11.10 -22.62
C GLN A 645 5.29 12.07 -21.77
N THR A 646 4.66 12.96 -21.00
CA THR A 646 5.40 13.97 -20.27
C THR A 646 6.04 13.44 -18.99
N GLY A 647 5.42 12.44 -18.38
CA GLY A 647 5.85 11.92 -17.09
C GLY A 647 5.15 12.55 -15.89
N LYS A 648 4.34 13.58 -16.12
CA LYS A 648 3.70 14.32 -15.05
C LYS A 648 2.54 13.53 -14.50
N PRO A 649 2.24 13.68 -13.19
CA PRO A 649 1.05 13.08 -12.59
C PRO A 649 -0.24 13.64 -13.16
N LEU A 650 -1.34 12.91 -12.97
CA LEU A 650 -2.65 13.36 -13.34
C LEU A 650 -3.21 14.14 -12.15
N MET A 651 -3.23 13.49 -10.99
CA MET A 651 -3.53 14.12 -9.73
C MET A 651 -2.23 14.75 -9.26
N ARG A 652 -2.11 16.04 -9.50
CA ARG A 652 -0.83 16.71 -9.64
C ARG A 652 -0.64 17.82 -8.65
N ALA A 653 0.35 17.65 -7.77
CA ALA A 653 0.77 18.72 -6.86
C ALA A 653 1.13 20.00 -7.60
N MET A 654 1.00 21.11 -6.91
CA MET A 654 1.17 22.45 -7.49
C MET A 654 2.58 22.69 -8.02
N PHE A 655 3.58 22.14 -7.31
CA PHE A 655 4.98 22.35 -7.68
C PHE A 655 5.40 21.84 -9.07
N TYR A 656 4.66 20.90 -9.67
CA TYR A 656 5.04 20.42 -11.00
C TYR A 656 4.97 21.52 -12.07
N ASP A 657 4.00 22.43 -11.95
CA ASP A 657 3.83 23.54 -12.89
C ASP A 657 4.08 24.93 -12.28
N HIS A 658 4.22 25.04 -10.96
CA HIS A 658 4.30 26.36 -10.30
C HIS A 658 5.28 26.42 -9.12
N ALA A 659 6.39 25.69 -9.23
CA ALA A 659 7.40 25.63 -8.15
C ALA A 659 8.06 26.98 -7.84
N ASP A 660 8.00 27.92 -8.80
CA ASP A 660 8.54 29.29 -8.59
C ASP A 660 7.66 30.22 -7.74
N ASP A 661 6.50 29.75 -7.32
CA ASP A 661 5.57 30.50 -6.48
C ASP A 661 5.60 29.92 -5.06
N PRO A 662 6.31 30.60 -4.13
CA PRO A 662 6.39 30.17 -2.73
C PRO A 662 5.05 29.85 -2.05
N GLU A 663 4.01 30.57 -2.47
CA GLU A 663 2.72 30.52 -1.80
C GLU A 663 1.96 29.18 -2.00
N ILE A 664 2.32 28.37 -3.00
CA ILE A 664 1.67 27.05 -3.17
C ILE A 664 1.78 26.14 -1.95
N TRP A 665 2.86 26.24 -1.17
CA TRP A 665 3.09 25.33 -0.04
C TRP A 665 2.14 25.60 1.13
N ALA A 666 1.56 26.79 1.21
CA ALA A 666 0.51 27.03 2.21
C ALA A 666 -0.83 26.42 1.80
N HIS A 667 -0.97 25.84 0.62
CA HIS A 667 -2.23 25.23 0.16
C HIS A 667 -2.04 23.78 -0.35
N PRO A 668 -1.58 22.88 0.54
CA PRO A 668 -1.17 21.54 0.12
C PRO A 668 -2.28 20.55 -0.24
N ARG A 669 -3.55 20.91 -0.05
CA ARG A 669 -4.66 20.06 -0.52
C ARG A 669 -5.43 20.63 -1.71
N GLN A 670 -4.87 21.68 -2.32
CA GLN A 670 -5.17 22.04 -3.70
C GLN A 670 -4.30 21.19 -4.60
N TYR A 671 -4.83 20.83 -5.76
CA TYR A 671 -4.05 20.09 -6.74
C TYR A 671 -4.62 20.33 -8.12
N MET A 672 -3.77 20.12 -9.13
CA MET A 672 -4.14 20.13 -10.53
C MET A 672 -4.63 18.73 -10.93
N LEU A 673 -5.72 18.69 -11.68
CA LEU A 673 -6.15 17.50 -12.37
C LEU A 673 -5.78 17.72 -13.84
N GLY A 674 -4.71 17.07 -14.30
CA GLY A 674 -4.13 17.39 -15.61
C GLY A 674 -3.60 18.82 -15.66
N ASP A 675 -3.30 19.28 -16.87
CA ASP A 675 -2.73 20.62 -17.12
C ASP A 675 -3.70 21.78 -16.82
N GLU A 676 -5.01 21.56 -16.92
CA GLU A 676 -5.96 22.69 -17.08
C GLU A 676 -6.83 23.00 -15.88
N LEU A 677 -7.12 22.02 -15.03
CA LEU A 677 -8.03 22.22 -13.89
C LEU A 677 -7.32 22.25 -12.56
N LEU A 678 -7.67 23.24 -11.74
CA LEU A 678 -7.16 23.39 -10.38
C LEU A 678 -8.30 23.02 -9.45
N ILE A 679 -8.13 21.98 -8.64
CA ILE A 679 -9.20 21.46 -7.79
C ILE A 679 -8.93 21.81 -6.34
N ASN A 680 -9.95 22.17 -5.57
CA ASN A 680 -9.77 22.43 -4.15
C ASN A 680 -10.94 21.89 -3.33
N PRO A 681 -10.88 20.60 -2.93
CA PRO A 681 -11.98 20.00 -2.19
C PRO A 681 -12.32 20.71 -0.89
N VAL A 682 -13.59 20.68 -0.50
CA VAL A 682 -14.07 21.27 0.75
C VAL A 682 -14.02 20.20 1.83
N THR A 683 -13.10 20.39 2.76
CA THR A 683 -12.72 19.37 3.73
C THR A 683 -13.13 19.68 5.18
N ALA A 684 -14.05 20.63 5.37
CA ALA A 684 -14.55 21.06 6.70
C ALA A 684 -16.09 21.04 6.73
N PRO A 685 -16.68 20.49 7.82
CA PRO A 685 -18.15 20.60 7.98
C PRO A 685 -18.57 22.03 8.31
N GLY A 686 -19.76 22.41 7.82
CA GLY A 686 -20.36 23.71 8.06
C GLY A 686 -19.91 24.82 7.12
N ALA A 687 -19.07 24.48 6.15
CA ALA A 687 -18.50 25.47 5.25
C ALA A 687 -19.55 25.95 4.23
N THR A 688 -19.69 27.27 4.16
CA THR A 688 -20.52 27.97 3.19
C THR A 688 -19.69 28.74 2.16
N THR A 689 -18.45 29.11 2.50
CA THR A 689 -17.50 29.70 1.54
C THR A 689 -16.20 28.89 1.63
N TRP A 690 -15.41 28.92 0.55
CA TRP A 690 -14.11 28.25 0.51
C TRP A 690 -13.11 29.11 -0.26
N THR A 691 -11.89 29.20 0.26
CA THR A 691 -10.85 30.07 -0.29
C THR A 691 -9.81 29.23 -1.05
N THR A 692 -9.43 29.65 -2.27
CA THR A 692 -8.46 28.97 -3.14
C THR A 692 -7.30 29.91 -3.53
N TYR A 693 -6.06 29.44 -3.48
CA TYR A 693 -4.94 30.21 -4.07
C TYR A 693 -4.76 29.87 -5.55
N LEU A 694 -4.92 30.88 -6.40
CA LEU A 694 -4.69 30.73 -7.84
C LEU A 694 -3.27 31.16 -8.19
N PRO A 695 -2.51 30.28 -8.86
CA PRO A 695 -1.18 30.69 -9.32
C PRO A 695 -1.26 31.67 -10.49
N GLU A 696 -0.11 32.16 -10.95
CA GLU A 696 -0.08 33.20 -11.98
C GLU A 696 -0.70 32.73 -13.30
N GLY A 697 -1.50 33.60 -13.91
CA GLY A 697 -2.26 33.29 -15.13
C GLY A 697 -3.70 33.71 -14.97
N GLN A 698 -4.48 33.59 -16.04
CA GLN A 698 -5.92 33.82 -16.00
C GLN A 698 -6.70 32.53 -15.75
N TRP A 699 -7.68 32.59 -14.85
CA TRP A 699 -8.47 31.43 -14.42
C TRP A 699 -9.96 31.70 -14.51
N GLU A 700 -10.70 30.61 -14.73
CA GLU A 700 -12.12 30.62 -15.05
C GLU A 700 -12.87 29.63 -14.12
N ASP A 701 -13.83 30.14 -13.36
CA ASP A 701 -14.66 29.32 -12.49
C ASP A 701 -15.33 28.23 -13.36
N TYR A 702 -15.20 26.98 -12.93
CA TYR A 702 -15.71 25.82 -13.67
C TYR A 702 -17.23 25.84 -13.91
N TRP A 703 -17.96 26.35 -12.92
CA TRP A 703 -19.43 26.28 -12.86
C TRP A 703 -20.14 27.55 -13.41
N SER A 704 -19.58 28.73 -13.13
CA SER A 704 -20.19 30.02 -13.50
C SER A 704 -19.52 30.75 -14.68
N GLY A 705 -18.28 30.39 -15.02
CA GLY A 705 -17.49 31.15 -15.99
C GLY A 705 -16.89 32.47 -15.50
N GLU A 706 -17.04 32.78 -14.20
CA GLU A 706 -16.50 34.01 -13.63
C GLU A 706 -14.96 33.97 -13.68
N VAL A 707 -14.37 34.97 -14.34
CA VAL A 707 -12.93 35.10 -14.47
C VAL A 707 -12.27 35.81 -13.26
N SER A 708 -11.19 35.22 -12.75
CA SER A 708 -10.33 35.79 -11.70
C SER A 708 -8.90 35.90 -12.22
N GLU A 709 -8.14 36.88 -11.72
CA GLU A 709 -6.71 36.94 -12.02
C GLU A 709 -5.90 36.16 -10.96
N GLY A 710 -4.88 35.44 -11.43
CA GLY A 710 -3.96 34.71 -10.59
C GLY A 710 -3.01 35.56 -9.75
N GLY A 711 -2.20 34.88 -8.94
CA GLY A 711 -1.38 35.53 -7.92
C GLY A 711 -2.16 36.00 -6.70
N HIS A 712 -3.37 35.50 -6.51
CA HIS A 712 -4.29 35.98 -5.50
C HIS A 712 -5.13 34.85 -4.90
N LEU A 713 -5.68 35.13 -3.72
CA LEU A 713 -6.67 34.26 -3.10
C LEU A 713 -8.05 34.67 -3.61
N VAL A 714 -8.90 33.67 -3.87
CA VAL A 714 -10.30 33.91 -4.26
C VAL A 714 -11.21 33.09 -3.39
N THR A 715 -12.41 33.62 -3.15
CA THR A 715 -13.42 33.02 -2.29
C THR A 715 -14.69 32.73 -3.10
N ARG A 716 -15.28 31.57 -2.80
CA ARG A 716 -16.35 30.93 -3.57
C ARG A 716 -17.42 30.49 -2.57
N ALA A 717 -18.68 30.79 -2.85
CA ALA A 717 -19.81 30.13 -2.20
C ALA A 717 -19.79 28.62 -2.52
N VAL A 718 -20.05 27.77 -1.52
CA VAL A 718 -19.99 26.33 -1.71
C VAL A 718 -21.22 25.58 -1.24
N GLY A 719 -22.33 25.79 -1.96
CA GLY A 719 -23.46 24.86 -1.87
C GLY A 719 -22.98 23.46 -2.20
N TRP A 720 -23.70 22.44 -1.76
CA TRP A 720 -23.23 21.06 -1.97
C TRP A 720 -23.10 20.64 -3.44
N ASP A 721 -23.74 21.39 -4.34
CA ASP A 721 -23.57 21.16 -5.77
C ASP A 721 -22.30 21.80 -6.37
N ILE A 722 -21.44 22.40 -5.53
CA ILE A 722 -20.21 23.03 -5.96
C ILE A 722 -19.00 22.44 -5.22
N ILE A 723 -17.92 22.18 -5.96
CA ILE A 723 -16.58 22.04 -5.41
C ILE A 723 -15.71 23.07 -6.14
N PRO A 724 -14.90 23.88 -5.42
CA PRO A 724 -14.10 24.84 -6.18
C PRO A 724 -13.15 24.19 -7.21
N VAL A 725 -13.32 24.59 -8.46
CA VAL A 725 -12.55 24.13 -9.59
C VAL A 725 -12.36 25.31 -10.52
N TYR A 726 -11.13 25.52 -10.97
CA TYR A 726 -10.77 26.63 -11.83
C TYR A 726 -10.02 26.08 -13.04
N ARG A 727 -10.36 26.61 -14.21
CA ARG A 727 -9.79 26.20 -15.47
C ARG A 727 -8.92 27.31 -16.02
N ARG A 728 -7.76 26.95 -16.57
CA ARG A 728 -6.88 27.95 -17.21
C ARG A 728 -7.63 28.58 -18.36
N VAL A 729 -7.43 29.87 -18.55
CA VAL A 729 -8.06 30.60 -19.64
C VAL A 729 -7.04 30.62 -20.79
N GLY A 730 -7.36 29.91 -21.86
CA GLY A 730 -6.51 29.90 -23.05
C GLY A 730 -6.71 31.15 -23.91
N ALA A 731 -5.87 31.27 -24.93
CA ALA A 731 -5.95 32.35 -25.90
C ALA A 731 -7.25 32.29 -26.74
N ALA A 732 -7.68 33.46 -27.25
CA ALA A 732 -8.82 33.56 -28.17
C ALA A 732 -8.33 33.51 -29.62
#